data_9J3X
#
_entry.id   9J3X
#
_cell.length_a   1.00
_cell.length_b   1.00
_cell.length_c   1.00
_cell.angle_alpha   90.00
_cell.angle_beta   90.00
_cell.angle_gamma   90.00
#
_symmetry.space_group_name_H-M   'P 1'
#
loop_
_entity.id
_entity.type
_entity.pdbx_description
1 polymer 'Chimera of Lysosomal cholesterol signaling protein and G protein-coupled receptor 155'
2 non-polymer CHOLESTEROL
3 non-polymer '(2S)-3-(hexadecanoyloxy)-2-[(9Z)-octadec-9-enoyloxy]propyl 2-(trimethylammonio)ethyl phosphate'
4 non-polymer 2-acetamido-2-deoxy-beta-D-glucopyranose
#
_entity_poly.entity_id   1
_entity_poly.type   'polypeptide(L)'
_entity_poly.pdbx_seq_one_letter_code
;MNSNLPAENLTIAVNMTKTLPTAVTHGFNSTNDPPSMSITRLFPALLECFGIVLCGYIAGRANVITSTQAKGLGNFVSRF
ALPALLFKNMVVLNFSNVDWSFLYSILIAKASVFFIVCVLTLLVASPDSRFSKAGLFPIFATQSNDFALGYPIVEALYQT
TYPEYLQYIYLVAPISLMMLNPIGFIFCEIQKWKDTQNASQNKIKIVGLGLLRVLQNPIVFMVFIGIAFNFILDRKVPVY
VENFLDGLGNSFSGSALFYLGLTMVGKIKRLKKSAFVVLILLITAKLLVLPLLCREMVELLDKGDSVVNHTSLSNYAFLY
GVFPVAPGVAIFATQFNMEVEIITSGMVISTFVSAPIMYVSAWLLTFPTMDPKPLAYAIQNVSFDISIVSLISLIWSLAI
LLLSKKYKQLPHMLTTNLLIAQSIVCAGMMIWNFVKEKNFVGQILVFVLLYSSLYSTYLWTGLLAISLFLLKKRERVQIP
VGIIIISGWGIPALLVGVLLITGKHNGDSIDSAFFYGKEQMITTAVTLFCSILIAGISLMCMNQTAQAGSYEGFDQSQSH
KVVEPGNTAFEESPAPVNEPELFTSSIPETSCCSCSMGNGELHCPSIEPIANTSTSEPVIPSFEKNNHCVSRCNSQSCIL
AQEEEQYLQSGDLQLTRHVLLCLLLIIGLFANLSSCLWWLFNQEPGRLYVELQFFCAVFNFGQGFISFGIFGLDKHLIIL
PFKRRLEFLWNNKETAENRDSPVSEEIKMTCQQFIHYHRDLCIRNIVKERRCGAKTSAGTFCGCDLVNWLIEVGLASDRG
EAVIYGDRLVQGGVIQHITNEYEFRDEYLFYRFLQKSPEQSPPAINANTLQQERYKEIEHSSPPSRSPKT
;
_entity_poly.pdbx_strand_id   A,B
#
loop_
_chem_comp.id
_chem_comp.type
_chem_comp.name
_chem_comp.formula
CLR non-polymer CHOLESTEROL 'C27 H46 O'
NAG D-saccharide, beta linking 2-acetamido-2-deoxy-beta-D-glucopyranose 'C8 H15 N O6'
POV non-polymer '(2S)-3-(hexadecanoyloxy)-2-[(9Z)-octadec-9-enoyloxy]propyl 2-(trimethylammonio)ethyl phosphate' 'C42 H82 N O8 P'
#
# COMPACT_ATOMS: atom_id res chain seq x y z
N PRO A 34 16.55 31.69 6.66
CA PRO A 34 15.68 30.94 5.76
C PRO A 34 16.37 29.73 5.12
N PRO A 35 16.28 28.56 5.77
CA PRO A 35 16.85 27.35 5.18
C PRO A 35 16.17 26.95 3.87
N SER A 36 14.82 26.98 3.88
CA SER A 36 13.94 26.73 2.74
C SER A 36 14.05 25.30 2.18
N MET A 37 14.77 24.43 2.88
CA MET A 37 14.94 23.03 2.49
C MET A 37 15.31 22.26 3.75
N SER A 38 14.51 21.25 4.09
CA SER A 38 14.88 20.35 5.19
C SER A 38 15.83 19.28 4.67
N ILE A 39 17.05 19.72 4.37
CA ILE A 39 18.01 18.89 3.65
C ILE A 39 18.61 17.82 4.55
N THR A 40 18.43 17.95 5.86
CA THR A 40 18.86 16.92 6.79
C THR A 40 18.09 15.63 6.58
N ARG A 41 16.78 15.74 6.30
CA ARG A 41 15.91 14.57 6.18
C ARG A 41 15.64 14.22 4.73
N LEU A 42 16.58 14.50 3.83
CA LEU A 42 16.45 14.06 2.44
C LEU A 42 16.99 12.66 2.22
N PHE A 43 18.12 12.31 2.84
CA PHE A 43 18.68 10.97 2.65
C PHE A 43 17.81 9.83 3.17
N PRO A 44 17.07 9.95 4.30
CA PRO A 44 16.07 8.89 4.57
C PRO A 44 14.99 8.78 3.51
N ALA A 45 14.60 9.89 2.87
CA ALA A 45 13.64 9.82 1.78
C ALA A 45 14.21 9.15 0.55
N LEU A 46 15.46 9.43 0.20
CA LEU A 46 16.12 8.72 -0.89
C LEU A 46 16.41 7.27 -0.55
N LEU A 47 16.50 6.94 0.74
CA LEU A 47 16.61 5.56 1.15
C LEU A 47 15.29 4.81 1.04
N GLU A 48 14.17 5.42 1.41
CA GLU A 48 12.87 4.77 1.28
C GLU A 48 12.52 4.52 -0.19
N CYS A 49 12.69 5.55 -1.03
CA CYS A 49 12.15 5.52 -2.38
C CYS A 49 12.92 4.56 -3.26
N PHE A 50 14.17 4.30 -2.92
CA PHE A 50 14.97 3.35 -3.66
C PHE A 50 15.19 2.04 -2.91
N GLY A 51 14.92 1.99 -1.62
CA GLY A 51 14.93 0.72 -0.93
C GLY A 51 13.72 -0.12 -1.26
N ILE A 52 12.56 0.53 -1.43
CA ILE A 52 11.39 -0.24 -1.86
C ILE A 52 11.54 -0.69 -3.31
N VAL A 53 12.18 0.15 -4.16
CA VAL A 53 12.50 -0.25 -5.52
C VAL A 53 13.47 -1.43 -5.53
N LEU A 54 14.47 -1.39 -4.64
CA LEU A 54 15.41 -2.49 -4.52
C LEU A 54 14.74 -3.76 -4.02
N CYS A 55 13.78 -3.63 -3.09
CA CYS A 55 13.01 -4.78 -2.63
C CYS A 55 12.19 -5.39 -3.75
N GLY A 56 11.55 -4.55 -4.57
CA GLY A 56 10.81 -5.05 -5.70
C GLY A 56 11.69 -5.73 -6.73
N TYR A 57 12.89 -5.18 -6.95
CA TYR A 57 13.83 -5.79 -7.89
C TYR A 57 14.36 -7.13 -7.38
N ILE A 58 14.64 -7.20 -6.07
CA ILE A 58 15.11 -8.45 -5.46
C ILE A 58 14.02 -9.52 -5.54
N ALA A 59 12.78 -9.13 -5.26
CA ALA A 59 11.67 -10.08 -5.34
C ALA A 59 11.42 -10.52 -6.78
N GLY A 60 11.64 -9.63 -7.75
CA GLY A 60 11.48 -10.01 -9.14
C GLY A 60 12.55 -10.97 -9.61
N ARG A 61 13.82 -10.71 -9.33
CA ARG A 61 14.88 -11.57 -9.84
C ARG A 61 14.97 -12.88 -9.07
N ALA A 62 14.72 -12.89 -7.78
CA ALA A 62 14.86 -14.14 -7.06
C ALA A 62 14.03 -15.23 -7.73
N ASN A 63 12.72 -14.89 -7.71
CA ASN A 63 11.66 -15.62 -8.38
C ASN A 63 10.44 -15.60 -7.46
N VAL A 64 10.37 -14.76 -6.45
CA VAL A 64 9.26 -14.67 -5.49
C VAL A 64 8.00 -14.17 -6.19
N ILE A 65 8.12 -13.12 -6.98
CA ILE A 65 7.03 -12.60 -7.80
C ILE A 65 7.53 -12.55 -9.24
N THR A 66 6.93 -13.35 -10.11
CA THR A 66 7.36 -13.36 -11.51
C THR A 66 6.75 -12.17 -12.25
N SER A 67 6.83 -12.22 -13.59
CA SER A 67 6.34 -11.10 -14.39
C SER A 67 4.81 -11.07 -14.43
N THR A 68 4.19 -12.23 -14.54
CA THR A 68 2.73 -12.31 -14.65
C THR A 68 2.05 -11.85 -13.36
N GLN A 69 2.62 -12.21 -12.21
CA GLN A 69 2.05 -11.79 -10.94
C GLN A 69 2.33 -10.31 -10.67
N ALA A 70 3.48 -9.83 -11.14
CA ALA A 70 3.76 -8.40 -11.09
C ALA A 70 2.77 -7.61 -11.95
N LYS A 71 2.25 -8.23 -13.01
CA LYS A 71 1.19 -7.59 -13.79
C LYS A 71 -0.07 -7.38 -12.96
N GLY A 72 -0.41 -8.34 -12.08
CA GLY A 72 -1.56 -8.16 -11.21
C GLY A 72 -1.34 -7.10 -10.15
N LEU A 73 -0.14 -7.04 -9.58
CA LEU A 73 0.19 -5.94 -8.66
C LEU A 73 0.15 -4.58 -9.35
N GLY A 74 0.62 -4.51 -10.60
CA GLY A 74 0.53 -3.29 -11.35
C GLY A 74 -0.90 -2.92 -11.71
N ASN A 75 -1.75 -3.92 -11.95
CA ASN A 75 -3.16 -3.67 -12.18
C ASN A 75 -3.81 -3.02 -10.97
N PHE A 76 -3.51 -3.55 -9.77
CA PHE A 76 -4.01 -2.92 -8.55
C PHE A 76 -3.52 -1.48 -8.42
N VAL A 77 -2.22 -1.26 -8.60
CA VAL A 77 -1.64 0.07 -8.39
C VAL A 77 -2.19 1.07 -9.40
N SER A 78 -2.24 0.70 -10.67
CA SER A 78 -2.64 1.64 -11.71
C SER A 78 -4.14 1.81 -11.83
N ARG A 79 -4.95 0.93 -11.25
CA ARG A 79 -6.39 1.10 -11.38
C ARG A 79 -7.13 1.39 -10.10
N PHE A 80 -6.54 1.18 -8.92
CA PHE A 80 -7.26 1.42 -7.67
C PHE A 80 -6.56 2.43 -6.77
N ALA A 81 -5.25 2.32 -6.58
CA ALA A 81 -4.58 3.18 -5.62
C ALA A 81 -4.30 4.57 -6.20
N LEU A 82 -3.78 4.62 -7.42
CA LEU A 82 -3.46 5.90 -8.06
C LEU A 82 -4.69 6.77 -8.34
N PRO A 83 -5.81 6.27 -8.90
CA PRO A 83 -6.99 7.16 -9.04
C PRO A 83 -7.53 7.69 -7.73
N ALA A 84 -7.49 6.92 -6.65
CA ALA A 84 -7.94 7.43 -5.37
C ALA A 84 -7.02 8.51 -4.81
N LEU A 85 -5.70 8.35 -5.00
CA LEU A 85 -4.75 9.37 -4.57
C LEU A 85 -4.95 10.67 -5.33
N LEU A 86 -5.06 10.59 -6.66
CA LEU A 86 -5.29 11.79 -7.47
C LEU A 86 -6.63 12.44 -7.15
N PHE A 87 -7.68 11.63 -6.98
CA PHE A 87 -8.99 12.18 -6.71
C PHE A 87 -9.06 12.87 -5.36
N LYS A 88 -8.44 12.28 -4.33
CA LYS A 88 -8.40 12.94 -3.03
C LYS A 88 -7.61 14.24 -3.07
N ASN A 89 -6.40 14.19 -3.66
CA ASN A 89 -5.53 15.36 -3.62
C ASN A 89 -6.02 16.47 -4.55
N MET A 90 -6.90 16.15 -5.51
CA MET A 90 -7.51 17.20 -6.30
C MET A 90 -8.82 17.66 -5.69
N VAL A 91 -9.42 16.86 -4.81
CA VAL A 91 -10.59 17.32 -4.08
C VAL A 91 -10.18 18.37 -3.05
N VAL A 92 -9.12 18.10 -2.28
CA VAL A 92 -8.79 19.04 -1.20
C VAL A 92 -7.89 20.18 -1.62
N LEU A 93 -7.62 20.34 -2.92
CA LEU A 93 -6.63 21.31 -3.36
C LEU A 93 -7.20 22.73 -3.32
N ASN A 94 -6.34 23.67 -2.91
CA ASN A 94 -6.73 25.07 -2.73
C ASN A 94 -6.29 25.87 -3.95
N PHE A 95 -7.24 26.21 -4.83
CA PHE A 95 -6.91 26.98 -6.02
C PHE A 95 -6.72 28.47 -5.76
N SER A 96 -7.04 28.95 -4.57
CA SER A 96 -6.84 30.35 -4.27
C SER A 96 -5.37 30.68 -3.99
N ASN A 97 -4.59 29.72 -3.51
CA ASN A 97 -3.23 29.97 -3.07
C ASN A 97 -2.18 29.41 -4.02
N VAL A 98 -2.56 29.07 -5.24
CA VAL A 98 -1.61 28.50 -6.19
C VAL A 98 -0.87 29.64 -6.90
N ASP A 99 0.46 29.64 -6.78
CA ASP A 99 1.30 30.56 -7.54
C ASP A 99 1.34 29.97 -8.93
N TRP A 100 0.56 30.55 -9.85
CA TRP A 100 0.49 30.04 -11.21
C TRP A 100 1.75 30.31 -12.02
N SER A 101 2.54 31.33 -11.64
CA SER A 101 3.72 31.71 -12.39
C SER A 101 4.74 30.58 -12.46
N PHE A 102 4.97 29.93 -11.32
CA PHE A 102 5.81 28.73 -11.28
C PHE A 102 5.26 27.63 -12.17
N LEU A 103 3.93 27.48 -12.18
CA LEU A 103 3.31 26.41 -12.95
C LEU A 103 3.51 26.58 -14.45
N TYR A 104 3.22 27.78 -15.00
CA TYR A 104 3.40 27.85 -16.44
C TYR A 104 4.85 28.10 -16.81
N SER A 105 5.70 28.54 -15.87
CA SER A 105 7.14 28.54 -16.16
C SER A 105 7.68 27.14 -16.30
N ILE A 106 7.29 26.24 -15.39
CA ILE A 106 7.66 24.84 -15.48
C ILE A 106 7.13 24.19 -16.75
N LEU A 107 5.88 24.49 -17.13
CA LEU A 107 5.36 23.99 -18.39
C LEU A 107 6.03 24.57 -19.63
N ILE A 108 6.44 25.83 -19.60
CA ILE A 108 7.18 26.42 -20.72
C ILE A 108 8.53 25.73 -20.88
N ALA A 109 9.18 25.39 -19.78
CA ALA A 109 10.43 24.65 -19.82
C ALA A 109 10.28 23.27 -20.46
N LYS A 110 9.23 22.55 -20.06
CA LYS A 110 8.96 21.23 -20.62
C LYS A 110 8.58 21.33 -22.09
N ALA A 111 7.83 22.37 -22.46
CA ALA A 111 7.47 22.57 -23.86
C ALA A 111 8.69 22.85 -24.72
N SER A 112 9.64 23.64 -24.20
CA SER A 112 10.87 23.93 -24.93
C SER A 112 11.71 22.67 -25.11
N VAL A 113 11.81 21.85 -24.06
CA VAL A 113 12.57 20.59 -24.16
C VAL A 113 11.91 19.66 -25.17
N PHE A 114 10.58 19.54 -25.13
CA PHE A 114 9.84 18.73 -26.09
C PHE A 114 10.05 19.21 -27.51
N PHE A 115 10.01 20.53 -27.71
CA PHE A 115 10.15 21.11 -29.04
C PHE A 115 11.53 20.84 -29.62
N ILE A 116 12.59 21.06 -28.83
CA ILE A 116 13.93 20.87 -29.38
C ILE A 116 14.23 19.38 -29.62
N VAL A 117 13.80 18.51 -28.70
CA VAL A 117 14.09 17.08 -28.87
C VAL A 117 13.34 16.52 -30.06
N CYS A 118 12.08 16.95 -30.24
CA CYS A 118 11.32 16.57 -31.43
C CYS A 118 11.95 17.11 -32.70
N VAL A 119 12.51 18.32 -32.65
CA VAL A 119 13.07 18.93 -33.86
C VAL A 119 14.29 18.15 -34.34
N LEU A 120 15.28 17.91 -33.46
CA LEU A 120 16.43 17.18 -33.97
C LEU A 120 16.16 15.69 -34.14
N THR A 121 15.18 15.12 -33.43
CA THR A 121 14.81 13.74 -33.72
C THR A 121 14.14 13.63 -35.08
N LEU A 122 13.43 14.68 -35.50
CA LEU A 122 12.89 14.69 -36.85
C LEU A 122 13.98 14.87 -37.90
N LEU A 123 14.98 15.70 -37.64
CA LEU A 123 16.01 15.89 -38.66
C LEU A 123 16.94 14.69 -38.83
N VAL A 124 17.47 14.13 -37.74
CA VAL A 124 18.65 13.28 -37.83
C VAL A 124 18.30 11.79 -37.91
N ALA A 125 17.04 11.43 -37.67
CA ALA A 125 16.71 10.01 -37.61
C ALA A 125 16.50 9.42 -39.00
N SER A 126 16.50 8.09 -39.07
CA SER A 126 16.30 7.39 -40.32
C SER A 126 14.85 7.51 -40.78
N PRO A 127 14.62 7.57 -42.10
CA PRO A 127 13.25 7.80 -42.60
C PRO A 127 12.24 6.71 -42.26
N ASP A 128 12.69 5.46 -42.10
CA ASP A 128 11.74 4.39 -41.80
C ASP A 128 11.26 4.43 -40.36
N SER A 129 11.97 5.14 -39.48
CA SER A 129 11.60 5.22 -38.09
C SER A 129 11.77 6.62 -37.51
N ARG A 130 11.62 7.67 -38.33
CA ARG A 130 11.76 9.02 -37.80
C ARG A 130 10.54 9.42 -36.98
N PHE A 131 9.37 8.89 -37.33
CA PHE A 131 8.16 9.35 -36.67
C PHE A 131 7.95 8.68 -35.33
N SER A 132 8.28 7.39 -35.21
CA SER A 132 8.19 6.72 -33.92
C SER A 132 9.17 7.30 -32.92
N LYS A 133 10.40 7.57 -33.35
CA LYS A 133 11.37 8.18 -32.47
C LYS A 133 10.99 9.61 -32.13
N ALA A 134 10.49 10.37 -33.11
CA ALA A 134 10.05 11.74 -32.84
C ALA A 134 8.81 11.80 -31.97
N GLY A 135 8.05 10.71 -31.88
CA GLY A 135 6.90 10.69 -31.00
C GLY A 135 7.15 10.08 -29.64
N LEU A 136 8.20 9.28 -29.49
CA LEU A 136 8.45 8.63 -28.22
C LEU A 136 9.63 9.21 -27.45
N PHE A 137 10.68 9.68 -28.13
CA PHE A 137 11.81 10.28 -27.43
C PHE A 137 11.46 11.58 -26.70
N PRO A 138 10.71 12.55 -27.27
CA PRO A 138 10.36 13.72 -26.45
C PRO A 138 9.38 13.43 -25.34
N ILE A 139 8.59 12.35 -25.46
CA ILE A 139 7.81 11.89 -24.32
C ILE A 139 8.73 11.33 -23.24
N PHE A 140 9.79 10.64 -23.67
CA PHE A 140 10.77 10.08 -22.74
C PHE A 140 11.53 11.18 -22.01
N ALA A 141 11.79 12.30 -22.70
CA ALA A 141 12.61 13.36 -22.14
C ALA A 141 11.83 14.42 -21.38
N THR A 142 10.52 14.20 -21.15
CA THR A 142 9.73 15.21 -20.44
C THR A 142 8.85 14.66 -19.34
N GLN A 143 8.64 13.35 -19.24
CA GLN A 143 7.70 12.82 -18.30
C GLN A 143 8.28 12.30 -17.09
N SER A 144 8.24 13.07 -16.06
CA SER A 144 8.92 12.66 -14.84
C SER A 144 8.13 11.58 -14.11
N ASN A 145 8.82 10.89 -13.20
CA ASN A 145 8.19 9.92 -12.31
C ASN A 145 7.75 10.63 -11.03
N ASP A 146 6.68 11.44 -11.10
CA ASP A 146 6.32 12.25 -9.95
C ASP A 146 5.47 11.69 -8.89
N PHE A 147 4.49 10.90 -9.17
CA PHE A 147 3.63 10.45 -8.09
C PHE A 147 4.27 9.36 -7.24
N ALA A 148 5.21 8.60 -7.82
CA ALA A 148 5.82 7.50 -7.09
C ALA A 148 7.06 7.98 -6.33
N LEU A 149 7.99 8.63 -7.03
CA LEU A 149 9.27 9.04 -6.46
C LEU A 149 9.34 10.50 -6.06
N GLY A 150 8.77 11.39 -6.87
CA GLY A 150 8.91 12.81 -6.60
C GLY A 150 8.14 13.24 -5.37
N TYR A 151 6.96 12.67 -5.16
CA TYR A 151 6.12 13.09 -4.04
C TYR A 151 6.71 12.78 -2.66
N PRO A 152 7.30 11.60 -2.37
CA PRO A 152 7.92 11.45 -1.04
C PRO A 152 9.16 12.33 -0.85
N ILE A 153 9.94 12.57 -1.91
CA ILE A 153 11.12 13.40 -1.79
C ILE A 153 10.74 14.86 -1.55
N VAL A 154 9.75 15.35 -2.30
CA VAL A 154 9.25 16.72 -2.10
C VAL A 154 8.58 16.84 -0.73
N GLU A 155 7.89 15.78 -0.30
CA GLU A 155 7.29 15.76 1.03
C GLU A 155 8.34 15.86 2.12
N ALA A 156 9.46 15.17 1.96
CA ALA A 156 10.51 15.24 2.98
C ALA A 156 11.19 16.61 2.97
N LEU A 157 11.43 17.15 1.79
CA LEU A 157 12.18 18.41 1.72
C LEU A 157 11.30 19.62 2.03
N TYR A 158 9.98 19.48 1.96
CA TYR A 158 9.12 20.64 1.95
C TYR A 158 7.85 20.53 2.78
N GLN A 159 7.78 19.62 3.76
CA GLN A 159 6.60 19.60 4.61
C GLN A 159 6.67 20.65 5.70
N THR A 160 7.84 20.79 6.35
CA THR A 160 7.94 21.60 7.55
C THR A 160 8.33 23.05 7.29
N THR A 161 8.76 23.37 6.07
CA THR A 161 9.21 24.72 5.77
C THR A 161 8.25 25.45 4.84
N TYR A 162 7.96 24.89 3.68
CA TYR A 162 7.00 25.45 2.73
C TYR A 162 6.01 24.36 2.33
N PRO A 163 4.95 24.18 3.10
CA PRO A 163 4.03 23.06 2.83
C PRO A 163 3.21 23.23 1.56
N GLU A 164 3.22 24.40 0.95
CA GLU A 164 2.41 24.62 -0.23
C GLU A 164 3.06 24.12 -1.52
N TYR A 165 4.30 23.63 -1.48
CA TYR A 165 4.88 23.16 -2.73
C TYR A 165 4.49 21.73 -3.07
N LEU A 166 3.81 21.02 -2.17
CA LEU A 166 3.49 19.62 -2.43
C LEU A 166 2.37 19.49 -3.44
N GLN A 167 1.50 20.49 -3.54
CA GLN A 167 0.37 20.40 -4.46
C GLN A 167 0.78 20.65 -5.91
N TYR A 168 1.97 21.23 -6.13
CA TYR A 168 2.43 21.48 -7.49
C TYR A 168 2.75 20.21 -8.25
N ILE A 169 3.03 19.10 -7.57
CA ILE A 169 3.24 17.84 -8.28
C ILE A 169 1.95 17.38 -8.95
N TYR A 170 0.86 17.30 -8.18
CA TYR A 170 -0.45 16.92 -8.67
C TYR A 170 -1.07 17.97 -9.58
N LEU A 171 -0.61 19.22 -9.52
CA LEU A 171 -1.05 20.20 -10.51
C LEU A 171 -0.26 20.14 -11.81
N VAL A 172 1.06 19.97 -11.74
CA VAL A 172 1.89 20.14 -12.93
C VAL A 172 1.93 18.88 -13.77
N ALA A 173 2.12 17.72 -13.14
CA ALA A 173 2.28 16.47 -13.90
C ALA A 173 1.10 16.11 -14.82
N PRO A 174 -0.18 16.23 -14.41
CA PRO A 174 -1.25 15.94 -15.38
C PRO A 174 -1.43 17.02 -16.44
N ILE A 175 -1.19 18.29 -16.11
CA ILE A 175 -1.25 19.33 -17.12
C ILE A 175 -0.13 19.15 -18.14
N SER A 176 1.05 18.75 -17.68
CA SER A 176 2.16 18.43 -18.58
C SER A 176 1.83 17.25 -19.46
N LEU A 177 1.17 16.22 -18.89
CA LEU A 177 0.72 15.08 -19.68
C LEU A 177 -0.25 15.51 -20.77
N MET A 178 -1.27 16.29 -20.41
CA MET A 178 -2.30 16.70 -21.36
C MET A 178 -1.76 17.63 -22.43
N MET A 179 -0.76 18.44 -22.10
CA MET A 179 -0.27 19.40 -23.07
C MET A 179 0.96 18.93 -23.84
N LEU A 180 1.55 17.79 -23.50
CA LEU A 180 2.68 17.29 -24.27
C LEU A 180 2.46 15.95 -24.93
N ASN A 181 1.68 15.04 -24.33
CA ASN A 181 1.45 13.74 -24.93
C ASN A 181 0.71 13.70 -26.28
N PRO A 182 -0.34 14.51 -26.56
CA PRO A 182 -0.99 14.39 -27.89
C PRO A 182 -0.08 14.67 -29.07
N ILE A 183 0.88 15.58 -28.90
CA ILE A 183 1.82 15.91 -29.97
C ILE A 183 2.69 14.70 -30.30
N GLY A 184 3.15 13.99 -29.28
CA GLY A 184 3.89 12.75 -29.52
C GLY A 184 3.02 11.65 -30.10
N PHE A 185 1.80 11.51 -29.57
CA PHE A 185 0.91 10.44 -30.00
C PHE A 185 0.47 10.59 -31.44
N ILE A 186 0.40 11.83 -31.93
CA ILE A 186 0.15 12.07 -33.35
C ILE A 186 1.26 11.45 -34.20
N PHE A 187 2.52 11.62 -33.78
CA PHE A 187 3.65 11.08 -34.53
C PHE A 187 3.69 9.56 -34.47
N CYS A 188 3.43 8.98 -33.30
CA CYS A 188 3.41 7.52 -33.23
C CYS A 188 2.23 6.93 -34.01
N GLU A 189 1.11 7.64 -34.06
CA GLU A 189 -0.01 7.13 -34.86
C GLU A 189 0.26 7.33 -36.34
N ILE A 190 1.08 8.31 -36.71
CA ILE A 190 1.54 8.43 -38.08
C ILE A 190 2.44 7.25 -38.45
N GLN A 191 3.30 6.83 -37.52
CA GLN A 191 4.12 5.65 -37.76
C GLN A 191 3.29 4.38 -37.85
N LYS A 192 2.21 4.29 -37.07
CA LYS A 192 1.30 3.17 -37.20
C LYS A 192 0.53 3.23 -38.51
N TRP A 193 0.25 4.45 -38.98
CA TRP A 193 -0.41 4.68 -40.26
C TRP A 193 0.47 4.25 -41.43
N LYS A 194 1.79 4.39 -41.26
CA LYS A 194 2.77 4.15 -42.31
C LYS A 194 2.76 2.71 -42.82
N ASP A 195 2.63 1.74 -41.92
CA ASP A 195 2.63 0.34 -42.31
C ASP A 195 1.38 -0.02 -43.11
N THR A 196 0.24 0.53 -42.71
CA THR A 196 -1.01 0.30 -43.42
C THR A 196 -1.02 1.00 -44.77
N GLN A 197 -0.78 2.32 -44.78
CA GLN A 197 -0.48 3.09 -46.00
C GLN A 197 -1.58 3.05 -47.06
N ASN A 198 -2.65 3.80 -46.83
CA ASN A 198 -3.78 3.84 -47.76
C ASN A 198 -3.89 5.30 -48.19
N ALA A 199 -3.03 6.14 -47.60
CA ALA A 199 -3.04 7.60 -47.72
C ALA A 199 -4.45 8.14 -47.48
N SER A 200 -5.02 7.73 -46.35
CA SER A 200 -6.42 7.96 -46.03
C SER A 200 -6.75 9.42 -45.79
N GLN A 201 -5.73 10.22 -45.42
CA GLN A 201 -5.90 11.53 -44.78
C GLN A 201 -6.82 11.37 -43.58
N ASN A 202 -7.89 12.17 -43.52
CA ASN A 202 -8.84 12.21 -42.41
C ASN A 202 -8.11 12.49 -41.10
N LYS A 203 -7.60 13.72 -40.99
CA LYS A 203 -6.77 14.11 -39.84
C LYS A 203 -7.53 14.04 -38.53
N ILE A 204 -8.86 14.16 -38.57
CA ILE A 204 -9.67 14.01 -37.37
C ILE A 204 -9.52 12.60 -36.81
N LYS A 205 -9.53 11.60 -37.70
CA LYS A 205 -9.47 10.18 -37.34
C LYS A 205 -8.20 9.83 -36.57
N ILE A 206 -7.09 10.51 -36.85
CA ILE A 206 -5.83 10.24 -36.20
C ILE A 206 -5.57 11.12 -34.99
N VAL A 207 -5.78 12.45 -35.12
CA VAL A 207 -5.47 13.31 -33.98
C VAL A 207 -6.52 13.17 -32.88
N GLY A 208 -7.76 12.82 -33.23
CA GLY A 208 -8.73 12.52 -32.21
C GLY A 208 -8.48 11.18 -31.56
N LEU A 209 -7.85 10.26 -32.29
CA LEU A 209 -7.43 8.99 -31.70
C LEU A 209 -6.34 9.23 -30.66
N GLY A 210 -5.38 10.10 -30.99
CA GLY A 210 -4.36 10.47 -30.02
C GLY A 210 -4.93 11.21 -28.82
N LEU A 211 -5.89 12.11 -29.06
CA LEU A 211 -6.51 12.84 -27.97
C LEU A 211 -7.32 11.92 -27.06
N LEU A 212 -8.03 10.95 -27.62
CA LEU A 212 -8.81 10.05 -26.78
C LEU A 212 -7.93 9.04 -26.08
N ARG A 213 -6.76 8.73 -26.66
CA ARG A 213 -5.78 7.95 -25.92
C ARG A 213 -5.24 8.73 -24.73
N VAL A 214 -5.08 10.05 -24.88
CA VAL A 214 -4.69 10.89 -23.75
C VAL A 214 -5.79 10.92 -22.70
N LEU A 215 -7.05 11.05 -23.12
CA LEU A 215 -8.15 11.17 -22.16
C LEU A 215 -8.44 9.86 -21.46
N GLN A 216 -8.10 8.72 -22.08
CA GLN A 216 -8.35 7.44 -21.44
C GLN A 216 -7.28 7.07 -20.43
N ASN A 217 -6.22 7.85 -20.31
CA ASN A 217 -5.24 7.67 -19.26
C ASN A 217 -5.88 7.99 -17.91
N PRO A 218 -5.68 7.15 -16.88
CA PRO A 218 -6.38 7.36 -15.59
C PRO A 218 -6.05 8.67 -14.89
N ILE A 219 -4.82 9.17 -15.05
CA ILE A 219 -4.42 10.43 -14.44
C ILE A 219 -5.25 11.59 -14.98
N VAL A 220 -5.48 11.61 -16.29
CA VAL A 220 -6.11 12.77 -16.92
C VAL A 220 -7.58 12.88 -16.53
N PHE A 221 -8.36 11.80 -16.67
CA PHE A 221 -9.77 11.96 -16.33
C PHE A 221 -9.99 11.90 -14.83
N MET A 222 -9.07 11.31 -14.07
CA MET A 222 -9.21 11.45 -12.62
C MET A 222 -8.90 12.86 -12.14
N VAL A 223 -8.00 13.58 -12.82
CA VAL A 223 -7.78 14.98 -12.48
C VAL A 223 -8.97 15.83 -12.93
N PHE A 224 -9.61 15.47 -14.06
CA PHE A 224 -10.82 16.17 -14.48
C PHE A 224 -11.95 15.99 -13.46
N ILE A 225 -12.14 14.75 -12.98
CA ILE A 225 -13.18 14.46 -11.99
C ILE A 225 -12.85 15.15 -10.65
N GLY A 226 -11.58 15.17 -10.28
CA GLY A 226 -11.19 15.89 -9.07
C GLY A 226 -11.40 17.39 -9.18
N ILE A 227 -11.17 17.95 -10.37
CA ILE A 227 -11.44 19.37 -10.59
C ILE A 227 -12.92 19.67 -10.46
N ALA A 228 -13.77 18.79 -11.01
CA ALA A 228 -15.21 18.98 -10.89
C ALA A 228 -15.68 18.87 -9.43
N PHE A 229 -15.22 17.84 -8.72
CA PHE A 229 -15.65 17.64 -7.35
C PHE A 229 -15.01 18.61 -6.37
N ASN A 230 -13.95 19.31 -6.77
CA ASN A 230 -13.40 20.36 -5.93
C ASN A 230 -14.38 21.52 -5.84
N PHE A 231 -15.08 21.82 -6.93
CA PHE A 231 -16.08 22.88 -6.90
C PHE A 231 -17.44 22.39 -6.44
N ILE A 232 -17.74 21.11 -6.65
CA ILE A 232 -19.05 20.58 -6.22
C ILE A 232 -19.10 20.45 -4.70
N LEU A 233 -18.11 19.79 -4.10
CA LEU A 233 -18.14 19.49 -2.68
C LEU A 233 -17.60 20.61 -1.80
N ASP A 234 -17.11 21.69 -2.42
CA ASP A 234 -16.46 22.84 -1.77
C ASP A 234 -15.26 22.31 -0.95
N ARG A 235 -14.28 21.82 -1.71
CA ARG A 235 -12.91 21.54 -1.27
C ARG A 235 -12.82 20.57 -0.08
N LYS A 236 -13.85 19.79 0.19
CA LYS A 236 -13.86 18.90 1.34
C LYS A 236 -14.39 17.54 0.95
N VAL A 237 -13.60 16.51 1.23
CA VAL A 237 -13.98 15.12 0.96
C VAL A 237 -15.06 14.72 1.96
N PRO A 238 -16.08 13.98 1.54
CA PRO A 238 -17.12 13.54 2.48
C PRO A 238 -16.56 12.57 3.52
N VAL A 239 -17.16 12.61 4.71
CA VAL A 239 -16.61 11.90 5.86
C VAL A 239 -16.79 10.40 5.71
N TYR A 240 -17.84 9.97 5.00
CA TYR A 240 -18.05 8.54 4.78
C TYR A 240 -17.05 7.99 3.76
N VAL A 241 -16.48 8.85 2.93
CA VAL A 241 -15.62 8.43 1.83
C VAL A 241 -14.15 8.79 2.13
N GLU A 242 -13.92 9.64 3.14
CA GLU A 242 -12.59 10.14 3.46
C GLU A 242 -11.63 9.03 3.85
N ASN A 243 -12.05 8.13 4.74
CA ASN A 243 -11.18 7.07 5.21
C ASN A 243 -10.93 6.04 4.12
N PHE A 244 -11.92 5.77 3.27
CA PHE A 244 -11.73 4.86 2.14
C PHE A 244 -10.70 5.41 1.16
N LEU A 245 -10.78 6.71 0.86
CA LEU A 245 -9.82 7.31 -0.05
C LEU A 245 -8.44 7.40 0.59
N ASP A 246 -8.36 7.62 1.90
CA ASP A 246 -7.07 7.60 2.58
C ASP A 246 -6.45 6.21 2.57
N GLY A 247 -7.27 5.17 2.77
CA GLY A 247 -6.74 3.82 2.76
C GLY A 247 -6.27 3.38 1.39
N LEU A 248 -6.96 3.80 0.34
CA LEU A 248 -6.50 3.47 -1.00
C LEU A 248 -5.37 4.38 -1.48
N GLY A 249 -5.25 5.59 -0.95
CA GLY A 249 -4.23 6.50 -1.42
C GLY A 249 -2.90 6.33 -0.71
N ASN A 250 -2.94 5.93 0.56
CA ASN A 250 -1.72 5.70 1.30
C ASN A 250 -1.04 4.40 0.89
N SER A 251 -1.75 3.52 0.19
CA SER A 251 -1.15 2.30 -0.34
C SER A 251 -0.56 2.48 -1.73
N PHE A 252 -0.55 3.70 -2.27
CA PHE A 252 0.00 3.88 -3.61
C PHE A 252 1.51 3.93 -3.58
N SER A 253 2.09 4.51 -2.54
CA SER A 253 3.52 4.83 -2.54
C SER A 253 4.37 3.57 -2.50
N GLY A 254 4.21 2.76 -1.46
CA GLY A 254 5.02 1.57 -1.32
C GLY A 254 4.78 0.54 -2.40
N SER A 255 3.51 0.30 -2.75
CA SER A 255 3.20 -0.66 -3.79
C SER A 255 3.60 -0.17 -5.17
N ALA A 256 3.57 1.14 -5.40
CA ALA A 256 3.99 1.69 -6.68
C ALA A 256 5.50 1.59 -6.86
N LEU A 257 6.25 1.90 -5.80
CA LEU A 257 7.70 1.73 -5.85
C LEU A 257 8.07 0.26 -5.98
N PHE A 258 7.32 -0.63 -5.33
CA PHE A 258 7.57 -2.06 -5.44
C PHE A 258 7.31 -2.56 -6.87
N TYR A 259 6.22 -2.09 -7.49
CA TYR A 259 5.95 -2.51 -8.87
C TYR A 259 6.96 -1.90 -9.84
N LEU A 260 7.44 -0.68 -9.55
CA LEU A 260 8.52 -0.12 -10.34
C LEU A 260 9.78 -0.95 -10.24
N GLY A 261 10.11 -1.43 -9.05
CA GLY A 261 11.25 -2.32 -8.90
C GLY A 261 11.05 -3.65 -9.61
N LEU A 262 9.82 -4.16 -9.59
CA LEU A 262 9.51 -5.39 -10.31
C LEU A 262 9.58 -5.23 -11.82
N THR A 263 9.35 -4.01 -12.32
CA THR A 263 9.36 -3.76 -13.75
C THR A 263 10.76 -3.88 -14.37
N MET A 264 11.82 -3.68 -13.59
CA MET A 264 13.17 -3.52 -14.12
C MET A 264 13.92 -4.83 -14.34
N VAL A 265 13.31 -5.98 -14.06
CA VAL A 265 14.05 -7.24 -14.03
C VAL A 265 14.34 -7.68 -15.46
N GLY A 266 15.60 -7.63 -15.87
CA GLY A 266 16.00 -8.13 -17.17
C GLY A 266 15.64 -7.25 -18.34
N LYS A 267 15.25 -6.00 -18.11
CA LYS A 267 14.81 -5.15 -19.20
C LYS A 267 15.91 -4.27 -19.77
N ILE A 268 17.13 -4.34 -19.23
CA ILE A 268 18.16 -3.42 -19.72
C ILE A 268 18.70 -3.91 -21.07
N LYS A 269 18.71 -5.23 -21.31
CA LYS A 269 19.05 -5.92 -22.56
C LYS A 269 20.50 -5.52 -22.95
N ARG A 270 20.95 -5.83 -24.17
CA ARG A 270 22.16 -5.22 -24.72
C ARG A 270 21.74 -4.07 -25.62
N LEU A 271 22.70 -3.40 -26.25
CA LEU A 271 22.38 -2.35 -27.21
C LEU A 271 23.30 -2.39 -28.42
N LYS A 272 23.23 -1.33 -29.23
CA LYS A 272 23.96 -1.25 -30.49
C LYS A 272 24.75 0.06 -30.45
N LYS A 273 25.80 0.18 -31.27
CA LYS A 273 26.55 1.43 -31.39
C LYS A 273 25.64 2.56 -31.85
N SER A 274 25.81 3.72 -31.22
CA SER A 274 25.06 4.99 -31.34
C SER A 274 23.67 4.92 -30.70
N ALA A 275 23.19 3.73 -30.37
CA ALA A 275 22.05 3.62 -29.47
C ALA A 275 22.45 3.88 -28.04
N PHE A 276 23.65 3.44 -27.67
CA PHE A 276 24.30 3.88 -26.43
C PHE A 276 24.41 5.39 -26.39
N VAL A 277 24.78 6.00 -27.52
CA VAL A 277 25.00 7.44 -27.58
C VAL A 277 23.67 8.19 -27.45
N VAL A 278 22.63 7.73 -28.15
CA VAL A 278 21.34 8.40 -28.07
C VAL A 278 20.69 8.18 -26.71
N LEU A 279 21.02 7.06 -26.05
CA LEU A 279 20.54 6.84 -24.69
C LEU A 279 21.20 7.82 -23.72
N ILE A 280 22.51 8.01 -23.86
CA ILE A 280 23.24 9.03 -23.12
C ILE A 280 22.64 10.41 -23.36
N LEU A 281 22.34 10.74 -24.62
CA LEU A 281 21.80 12.06 -24.94
C LEU A 281 20.41 12.27 -24.35
N LEU A 282 19.53 11.27 -24.39
CA LEU A 282 18.19 11.42 -23.85
C LEU A 282 18.20 11.55 -22.33
N ILE A 283 18.93 10.67 -21.65
CA ILE A 283 18.97 10.73 -20.18
C ILE A 283 19.70 11.99 -19.72
N THR A 284 20.74 12.40 -20.48
CA THR A 284 21.42 13.67 -20.21
C THR A 284 20.47 14.85 -20.39
N ALA A 285 19.63 14.81 -21.43
CA ALA A 285 18.66 15.87 -21.67
C ALA A 285 17.67 15.99 -20.53
N LYS A 286 17.03 14.85 -20.18
CA LYS A 286 16.01 14.83 -19.14
C LYS A 286 16.55 15.23 -17.77
N LEU A 287 17.74 14.74 -17.42
CA LEU A 287 18.21 14.96 -16.05
C LEU A 287 19.11 16.18 -15.96
N LEU A 288 19.51 16.79 -17.08
CA LEU A 288 20.41 17.93 -17.03
C LEU A 288 19.80 19.20 -17.62
N VAL A 289 19.34 19.18 -18.88
CA VAL A 289 19.02 20.47 -19.49
C VAL A 289 17.58 20.87 -19.17
N LEU A 290 16.72 19.89 -18.85
CA LEU A 290 15.39 20.23 -18.34
C LEU A 290 15.44 20.94 -16.97
N PRO A 291 16.23 20.51 -15.97
CA PRO A 291 16.29 21.32 -14.74
C PRO A 291 16.90 22.71 -14.90
N LEU A 292 17.92 22.90 -15.74
CA LEU A 292 18.45 24.25 -15.95
C LEU A 292 17.46 25.13 -16.69
N LEU A 293 16.72 24.55 -17.64
CA LEU A 293 15.66 25.32 -18.30
C LEU A 293 14.55 25.66 -17.33
N CYS A 294 14.22 24.74 -16.42
CA CYS A 294 13.20 25.03 -15.41
C CYS A 294 13.63 26.17 -14.50
N ARG A 295 14.89 26.14 -14.03
CA ARG A 295 15.40 27.24 -13.20
C ARG A 295 15.44 28.55 -13.97
N GLU A 296 15.87 28.52 -15.23
CA GLU A 296 16.02 29.76 -15.98
C GLU A 296 14.66 30.39 -16.31
N MET A 297 13.68 29.57 -16.70
CA MET A 297 12.35 30.12 -16.98
C MET A 297 11.63 30.53 -15.69
N VAL A 298 11.93 29.87 -14.57
CA VAL A 298 11.34 30.33 -13.31
C VAL A 298 11.95 31.66 -12.88
N GLU A 299 13.26 31.80 -13.03
CA GLU A 299 13.91 33.08 -12.72
C GLU A 299 13.54 34.17 -13.72
N LEU A 300 13.10 33.80 -14.92
CA LEU A 300 12.70 34.77 -15.94
C LEU A 300 11.23 35.19 -15.78
N LEU A 301 10.35 34.28 -15.37
CA LEU A 301 8.92 34.53 -15.41
C LEU A 301 8.29 34.83 -14.06
N ASP A 302 8.81 34.27 -12.97
CA ASP A 302 8.31 34.62 -11.65
C ASP A 302 8.84 36.00 -11.26
N LYS A 303 7.93 36.98 -11.20
CA LYS A 303 8.28 38.35 -10.88
C LYS A 303 7.66 38.79 -9.56
N GLY A 304 7.72 37.93 -8.55
CA GLY A 304 7.18 38.29 -7.24
C GLY A 304 8.08 39.28 -6.52
N ASP A 305 7.52 39.91 -5.50
CA ASP A 305 8.24 40.92 -4.72
C ASP A 305 9.02 40.33 -3.57
N SER A 306 9.00 39.02 -3.38
CA SER A 306 9.70 38.36 -2.28
C SER A 306 10.90 37.59 -2.85
N VAL A 307 12.09 37.93 -2.36
CA VAL A 307 13.32 37.34 -2.89
C VAL A 307 13.48 35.90 -2.39
N VAL A 308 13.17 35.66 -1.11
CA VAL A 308 13.36 34.33 -0.54
C VAL A 308 12.37 33.33 -1.13
N ASN A 309 11.14 33.78 -1.40
CA ASN A 309 10.17 32.95 -2.11
C ASN A 309 10.64 32.64 -3.52
N HIS A 310 11.24 33.63 -4.20
CA HIS A 310 11.78 33.40 -5.54
C HIS A 310 12.92 32.40 -5.52
N THR A 311 13.79 32.48 -4.51
CA THR A 311 14.91 31.55 -4.41
C THR A 311 14.44 30.13 -4.13
N SER A 312 13.45 30.00 -3.24
CA SER A 312 12.89 28.68 -2.94
C SER A 312 12.16 28.10 -4.15
N LEU A 313 11.47 28.95 -4.91
CA LEU A 313 10.81 28.49 -6.13
C LEU A 313 11.82 28.07 -7.18
N SER A 314 12.95 28.78 -7.29
CA SER A 314 13.98 28.40 -8.25
C SER A 314 14.63 27.06 -7.87
N ASN A 315 14.92 26.88 -6.58
CA ASN A 315 15.50 25.62 -6.14
C ASN A 315 14.53 24.46 -6.30
N TYR A 316 13.24 24.67 -6.00
CA TYR A 316 12.24 23.63 -6.18
C TYR A 316 12.02 23.32 -7.66
N ALA A 317 12.13 24.34 -8.51
CA ALA A 317 12.01 24.11 -9.95
C ALA A 317 13.17 23.30 -10.48
N PHE A 318 14.38 23.52 -9.96
CA PHE A 318 15.50 22.69 -10.35
C PHE A 318 15.30 21.26 -9.85
N LEU A 319 14.79 21.11 -8.63
CA LEU A 319 14.61 19.79 -8.05
C LEU A 319 13.53 18.99 -8.78
N TYR A 320 12.53 19.68 -9.34
CA TYR A 320 11.42 18.99 -9.99
C TYR A 320 11.88 18.25 -11.24
N GLY A 321 12.79 18.84 -12.01
CA GLY A 321 13.21 18.20 -13.25
C GLY A 321 14.15 17.02 -13.07
N VAL A 322 14.69 16.86 -11.87
CA VAL A 322 15.67 15.82 -11.57
C VAL A 322 15.02 14.46 -11.39
N PHE A 323 13.69 14.40 -11.30
CA PHE A 323 12.98 13.14 -11.11
C PHE A 323 13.15 12.26 -12.34
N PRO A 324 13.22 10.94 -12.18
CA PRO A 324 13.51 10.07 -13.32
C PRO A 324 12.32 9.92 -14.25
N VAL A 325 12.56 9.19 -15.34
CA VAL A 325 11.52 8.97 -16.33
C VAL A 325 10.48 8.00 -15.78
N ALA A 326 9.21 8.33 -15.95
CA ALA A 326 8.13 7.50 -15.44
C ALA A 326 8.03 6.22 -16.26
N PRO A 327 7.57 5.12 -15.64
CA PRO A 327 7.39 3.88 -16.42
C PRO A 327 6.22 3.92 -17.39
N GLY A 328 5.38 4.96 -17.33
CA GLY A 328 4.32 5.13 -18.30
C GLY A 328 4.81 5.31 -19.72
N VAL A 329 6.00 5.85 -19.90
CA VAL A 329 6.57 5.97 -21.25
C VAL A 329 6.91 4.60 -21.82
N ALA A 330 7.47 3.73 -20.98
CA ALA A 330 7.73 2.36 -21.43
C ALA A 330 6.43 1.59 -21.65
N ILE A 331 5.40 1.87 -20.85
CA ILE A 331 4.07 1.31 -21.09
C ILE A 331 3.54 1.77 -22.44
N PHE A 332 3.71 3.04 -22.76
CA PHE A 332 3.22 3.62 -24.01
C PHE A 332 3.93 3.01 -25.20
N ALA A 333 5.25 2.83 -25.09
CA ALA A 333 6.01 2.16 -26.13
C ALA A 333 5.63 0.68 -26.23
N THR A 334 5.18 0.08 -25.13
CA THR A 334 4.74 -1.31 -25.18
C THR A 334 3.41 -1.44 -25.93
N GLN A 335 2.44 -0.57 -25.62
CA GLN A 335 1.15 -0.62 -26.32
C GLN A 335 1.29 -0.24 -27.78
N PHE A 336 2.21 0.68 -28.09
CA PHE A 336 2.48 0.96 -29.49
C PHE A 336 3.31 -0.13 -30.15
N ASN A 337 4.10 -0.86 -29.36
CA ASN A 337 5.04 -1.89 -29.80
C ASN A 337 5.98 -1.28 -30.87
N MET A 338 6.62 -0.20 -30.44
CA MET A 338 7.67 0.46 -31.22
C MET A 338 8.73 0.95 -30.26
N GLU A 339 10.00 0.65 -30.57
CA GLU A 339 11.18 1.06 -29.79
C GLU A 339 11.05 0.68 -28.32
N VAL A 340 10.61 -0.55 -28.06
CA VAL A 340 10.37 -0.98 -26.68
C VAL A 340 11.68 -1.14 -25.92
N GLU A 341 12.73 -1.63 -26.60
CA GLU A 341 14.01 -1.90 -25.93
C GLU A 341 14.68 -0.62 -25.47
N ILE A 342 14.69 0.41 -26.32
CA ILE A 342 15.38 1.66 -26.00
C ILE A 342 14.67 2.38 -24.85
N ILE A 343 13.34 2.45 -24.90
CA ILE A 343 12.59 3.17 -23.87
C ILE A 343 12.62 2.42 -22.54
N THR A 344 12.51 1.09 -22.58
CA THR A 344 12.60 0.32 -21.33
C THR A 344 13.98 0.43 -20.71
N SER A 345 15.03 0.31 -21.52
CA SER A 345 16.39 0.48 -21.02
C SER A 345 16.59 1.90 -20.49
N GLY A 346 15.99 2.89 -21.15
CA GLY A 346 16.11 4.26 -20.69
C GLY A 346 15.45 4.50 -19.36
N MET A 347 14.29 3.87 -19.13
CA MET A 347 13.61 4.10 -17.85
C MET A 347 14.37 3.41 -16.71
N VAL A 348 14.80 2.15 -16.91
CA VAL A 348 15.51 1.44 -15.84
C VAL A 348 16.92 1.99 -15.65
N ILE A 349 17.44 2.71 -16.64
CA ILE A 349 18.75 3.32 -16.46
C ILE A 349 18.60 4.67 -15.76
N SER A 350 17.58 5.43 -16.15
CA SER A 350 17.38 6.77 -15.61
C SER A 350 16.97 6.72 -14.14
N THR A 351 16.24 5.68 -13.74
CA THR A 351 15.84 5.59 -12.34
C THR A 351 17.06 5.34 -11.43
N PHE A 352 18.00 4.52 -11.88
CA PHE A 352 19.21 4.26 -11.11
C PHE A 352 20.08 5.52 -11.12
N VAL A 353 20.27 6.11 -12.30
CA VAL A 353 21.18 7.23 -12.47
C VAL A 353 20.68 8.47 -11.73
N SER A 354 19.37 8.63 -11.61
CA SER A 354 18.83 9.80 -10.92
C SER A 354 18.99 9.69 -9.40
N ALA A 355 19.26 8.50 -8.86
CA ALA A 355 19.36 8.34 -7.41
C ALA A 355 20.48 9.15 -6.75
N PRO A 356 21.71 9.24 -7.28
CA PRO A 356 22.65 10.19 -6.67
C PRO A 356 22.45 11.62 -7.14
N ILE A 357 21.76 11.84 -8.26
CA ILE A 357 21.66 13.18 -8.82
C ILE A 357 20.75 14.05 -7.97
N MET A 358 19.69 13.48 -7.39
CA MET A 358 18.86 14.21 -6.42
C MET A 358 19.68 14.69 -5.23
N TYR A 359 20.52 13.81 -4.67
CA TYR A 359 21.31 14.15 -3.50
C TYR A 359 22.35 15.22 -3.81
N VAL A 360 23.11 15.03 -4.90
CA VAL A 360 24.15 15.97 -5.28
C VAL A 360 23.56 17.32 -5.67
N SER A 361 22.47 17.31 -6.44
CA SER A 361 21.84 18.55 -6.88
C SER A 361 21.26 19.32 -5.70
N ALA A 362 20.58 18.63 -4.77
CA ALA A 362 19.95 19.33 -3.66
C ALA A 362 20.99 19.90 -2.70
N TRP A 363 22.08 19.15 -2.46
CA TRP A 363 23.13 19.72 -1.63
C TRP A 363 23.90 20.83 -2.33
N LEU A 364 23.95 20.82 -3.66
CA LEU A 364 24.53 21.96 -4.35
C LEU A 364 23.62 23.18 -4.29
N LEU A 365 22.30 22.96 -4.32
CA LEU A 365 21.38 24.09 -4.19
C LEU A 365 21.40 24.70 -2.80
N THR A 366 21.58 23.90 -1.76
CA THR A 366 21.57 24.47 -0.42
C THR A 366 22.90 25.08 0.00
N PHE A 367 23.96 24.90 -0.78
CA PHE A 367 25.29 25.45 -0.48
C PHE A 367 25.40 26.97 -0.59
N PRO A 368 24.60 27.68 -1.44
CA PRO A 368 24.48 29.13 -1.27
C PRO A 368 24.09 29.56 0.14
N THR A 369 24.58 30.75 0.52
CA THR A 369 24.58 31.28 1.89
C THR A 369 25.30 30.32 2.82
N MET A 370 24.54 29.61 3.66
CA MET A 370 25.04 28.83 4.79
C MET A 370 26.03 29.65 5.63
N ASP A 371 27.13 29.02 6.05
CA ASP A 371 28.27 29.71 6.64
C ASP A 371 29.54 29.01 6.16
N PRO A 372 30.69 29.70 6.16
CA PRO A 372 31.98 29.07 5.82
C PRO A 372 32.32 27.78 6.58
N LYS A 373 32.34 27.84 7.91
CA LYS A 373 32.90 26.74 8.69
C LYS A 373 31.91 25.58 8.88
N PRO A 374 30.59 25.77 9.14
CA PRO A 374 29.70 24.59 9.15
C PRO A 374 29.40 24.00 7.78
N LEU A 375 29.98 24.55 6.71
CA LEU A 375 29.94 23.87 5.41
C LEU A 375 30.75 22.57 5.44
N ALA A 376 31.78 22.52 6.28
CA ALA A 376 32.60 21.32 6.39
C ALA A 376 31.83 20.16 7.00
N TYR A 377 30.96 20.45 7.98
CA TYR A 377 30.10 19.41 8.53
C TYR A 377 29.08 18.92 7.49
N ALA A 378 28.61 19.81 6.62
CA ALA A 378 27.71 19.39 5.55
C ALA A 378 28.43 18.46 4.57
N ILE A 379 29.68 18.79 4.24
CA ILE A 379 30.49 17.94 3.37
C ILE A 379 30.74 16.59 4.01
N GLN A 380 31.05 16.60 5.32
CA GLN A 380 31.28 15.36 6.06
C GLN A 380 30.02 14.50 6.13
N ASN A 381 28.86 15.13 6.34
CA ASN A 381 27.60 14.40 6.38
C ASN A 381 27.26 13.79 5.03
N VAL A 382 27.51 14.52 3.95
CA VAL A 382 27.27 14.00 2.60
C VAL A 382 28.18 12.81 2.32
N SER A 383 29.46 12.91 2.68
CA SER A 383 30.38 11.81 2.45
C SER A 383 30.02 10.59 3.29
N PHE A 384 29.54 10.81 4.51
CA PHE A 384 29.08 9.71 5.37
C PHE A 384 27.87 9.01 4.76
N ASP A 385 26.90 9.79 4.26
CA ASP A 385 25.69 9.21 3.69
C ASP A 385 25.98 8.48 2.39
N ILE A 386 26.95 8.96 1.61
CA ILE A 386 27.37 8.21 0.43
C ILE A 386 28.12 6.94 0.82
N SER A 387 28.96 7.01 1.85
CA SER A 387 29.78 5.86 2.23
C SER A 387 28.97 4.72 2.80
N ILE A 388 27.80 5.00 3.40
CA ILE A 388 26.92 3.93 3.86
C ILE A 388 26.47 3.04 2.68
N VAL A 389 25.95 3.68 1.64
CA VAL A 389 25.45 2.95 0.48
C VAL A 389 26.60 2.31 -0.29
N SER A 390 27.73 3.01 -0.37
CA SER A 390 28.89 2.47 -1.06
C SER A 390 29.43 1.23 -0.35
N LEU A 391 29.46 1.25 0.99
CA LEU A 391 29.93 0.10 1.74
C LEU A 391 28.99 -1.09 1.61
N ILE A 392 27.68 -0.85 1.63
CA ILE A 392 26.74 -1.97 1.52
C ILE A 392 26.80 -2.59 0.12
N SER A 393 26.87 -1.74 -0.92
CA SER A 393 26.96 -2.25 -2.28
C SER A 393 28.31 -2.92 -2.54
N LEU A 394 29.36 -2.44 -1.88
CA LEU A 394 30.67 -3.06 -2.04
C LEU A 394 30.73 -4.41 -1.35
N ILE A 395 30.07 -4.54 -0.20
CA ILE A 395 29.95 -5.83 0.46
C ILE A 395 29.22 -6.82 -0.43
N TRP A 396 28.15 -6.36 -1.10
CA TRP A 396 27.42 -7.23 -2.02
C TRP A 396 28.27 -7.66 -3.21
N SER A 397 28.97 -6.71 -3.84
CA SER A 397 29.76 -7.04 -5.02
C SER A 397 30.96 -7.91 -4.66
N LEU A 398 31.57 -7.68 -3.50
CA LEU A 398 32.66 -8.52 -3.04
C LEU A 398 32.20 -9.94 -2.73
N ALA A 399 31.01 -10.08 -2.12
CA ALA A 399 30.48 -11.41 -1.85
C ALA A 399 30.17 -12.15 -3.15
N ILE A 400 29.62 -11.44 -4.15
CA ILE A 400 29.33 -12.08 -5.43
C ILE A 400 30.62 -12.49 -6.14
N LEU A 401 31.65 -11.64 -6.09
CA LEU A 401 32.90 -11.96 -6.78
C LEU A 401 33.65 -13.07 -6.06
N LEU A 402 33.55 -13.13 -4.73
CA LEU A 402 34.26 -14.17 -3.99
C LEU A 402 33.57 -15.53 -4.14
N LEU A 403 32.23 -15.55 -4.08
CA LEU A 403 31.52 -16.83 -4.14
C LEU A 403 31.52 -17.42 -5.54
N SER A 404 31.66 -16.57 -6.55
CA SER A 404 31.64 -17.07 -7.93
C SER A 404 33.00 -17.61 -8.38
N LYS A 405 34.03 -17.47 -7.55
CA LYS A 405 35.39 -17.98 -7.76
C LYS A 405 36.05 -17.42 -9.01
N LYS A 406 35.64 -16.24 -9.48
CA LYS A 406 36.32 -15.58 -10.59
C LYS A 406 37.42 -14.64 -10.12
N TYR A 407 37.64 -14.53 -8.82
CA TYR A 407 38.65 -13.62 -8.30
C TYR A 407 40.06 -14.10 -8.58
N LYS A 408 40.25 -15.41 -8.76
CA LYS A 408 41.59 -15.94 -9.01
C LYS A 408 42.08 -15.72 -10.44
N GLN A 409 41.18 -15.43 -11.37
CA GLN A 409 41.55 -15.26 -12.77
C GLN A 409 41.66 -13.78 -13.11
N LEU A 410 42.65 -13.45 -13.93
CA LEU A 410 42.81 -12.08 -14.41
C LEU A 410 41.65 -11.71 -15.32
N PRO A 411 41.25 -10.43 -15.35
CA PRO A 411 41.77 -9.27 -14.59
C PRO A 411 41.04 -9.05 -13.27
N HIS A 412 40.24 -10.03 -12.83
CA HIS A 412 39.31 -9.78 -11.73
C HIS A 412 40.02 -9.73 -10.37
N MET A 413 41.26 -10.19 -10.30
CA MET A 413 42.02 -10.13 -9.04
C MET A 413 42.31 -8.68 -8.66
N LEU A 414 42.73 -7.88 -9.66
CA LEU A 414 42.98 -6.48 -9.39
C LEU A 414 41.70 -5.73 -9.10
N THR A 415 40.59 -6.16 -9.70
CA THR A 415 39.29 -5.59 -9.35
C THR A 415 38.91 -5.90 -7.91
N THR A 416 39.18 -7.14 -7.47
CA THR A 416 38.89 -7.51 -6.08
C THR A 416 39.74 -6.69 -5.11
N ASN A 417 41.00 -6.46 -5.45
CA ASN A 417 41.85 -5.59 -4.65
C ASN A 417 41.32 -4.16 -4.63
N LEU A 418 40.82 -3.69 -5.77
CA LEU A 418 40.27 -2.33 -5.87
C LEU A 418 39.03 -2.17 -5.00
N LEU A 419 38.11 -3.15 -5.04
CA LEU A 419 36.90 -3.05 -4.24
C LEU A 419 37.21 -3.18 -2.75
N ILE A 420 38.22 -4.00 -2.41
CA ILE A 420 38.65 -4.08 -1.02
C ILE A 420 39.20 -2.73 -0.55
N ALA A 421 39.99 -2.07 -1.40
CA ALA A 421 40.55 -0.76 -1.06
C ALA A 421 39.46 0.29 -0.89
N GLN A 422 38.45 0.26 -1.76
CA GLN A 422 37.35 1.21 -1.63
C GLN A 422 36.50 0.92 -0.39
N SER A 423 36.42 -0.37 0.00
CA SER A 423 35.78 -0.72 1.25
C SER A 423 36.54 -0.16 2.45
N ILE A 424 37.89 -0.20 2.39
CA ILE A 424 38.68 0.40 3.46
C ILE A 424 38.50 1.92 3.47
N VAL A 425 38.31 2.53 2.30
CA VAL A 425 38.00 3.97 2.24
C VAL A 425 36.71 4.28 2.99
N CYS A 426 35.65 3.52 2.70
CA CYS A 426 34.36 3.75 3.36
C CYS A 426 34.43 3.46 4.85
N ALA A 427 35.14 2.40 5.25
CA ALA A 427 35.30 2.09 6.67
C ALA A 427 36.16 3.14 7.38
N GLY A 428 37.11 3.73 6.65
CA GLY A 428 37.88 4.82 7.20
C GLY A 428 37.04 6.06 7.45
N MET A 429 36.08 6.32 6.57
CA MET A 429 35.14 7.40 6.85
C MET A 429 34.23 7.06 8.03
N MET A 430 33.85 5.78 8.15
CA MET A 430 33.06 5.34 9.30
C MET A 430 33.79 5.57 10.61
N ILE A 431 35.09 5.30 10.63
CA ILE A 431 35.91 5.60 11.80
C ILE A 431 36.07 7.11 11.97
N TRP A 432 36.30 7.83 10.87
CA TRP A 432 36.70 9.24 10.93
C TRP A 432 35.55 10.14 11.39
N ASN A 433 34.30 9.74 11.11
CA ASN A 433 33.17 10.55 11.56
C ASN A 433 33.03 10.52 13.08
N PHE A 434 33.43 9.42 13.72
CA PHE A 434 33.21 9.27 15.16
C PHE A 434 34.48 9.48 15.97
N VAL A 435 35.64 9.62 15.33
CA VAL A 435 36.90 9.72 16.06
C VAL A 435 37.67 11.00 15.76
N LYS A 436 37.03 12.01 15.15
CA LYS A 436 37.74 13.25 14.85
C LYS A 436 37.96 14.09 16.10
N GLU A 437 37.10 13.93 17.12
CA GLU A 437 37.16 14.74 18.33
C GLU A 437 37.41 13.90 19.58
N LYS A 438 38.07 12.75 19.46
CA LYS A 438 38.32 11.89 20.61
C LYS A 438 39.80 11.78 20.96
N ASN A 439 40.64 11.36 20.01
CA ASN A 439 42.06 11.14 20.26
C ASN A 439 42.84 11.50 19.00
N PHE A 440 44.07 11.99 19.19
CA PHE A 440 44.90 12.32 18.05
C PHE A 440 45.50 11.09 17.39
N VAL A 441 45.82 10.07 18.19
CA VAL A 441 46.46 8.87 17.66
C VAL A 441 45.50 8.07 16.79
N GLY A 442 44.25 7.91 17.27
CA GLY A 442 43.24 7.24 16.46
C GLY A 442 42.89 8.00 15.20
N GLN A 443 42.85 9.33 15.30
CA GLN A 443 42.62 10.17 14.12
C GLN A 443 43.75 10.03 13.11
N ILE A 444 44.99 9.96 13.60
CA ILE A 444 46.15 9.81 12.72
C ILE A 444 46.12 8.46 12.02
N LEU A 445 45.81 7.41 12.78
CA LEU A 445 45.73 6.06 12.20
C LEU A 445 44.59 5.96 11.18
N VAL A 446 43.44 6.58 11.48
CA VAL A 446 42.31 6.56 10.56
C VAL A 446 42.64 7.33 9.29
N PHE A 447 43.30 8.49 9.42
CA PHE A 447 43.69 9.27 8.25
C PHE A 447 44.70 8.53 7.40
N VAL A 448 45.66 7.87 8.05
CA VAL A 448 46.69 7.11 7.31
C VAL A 448 46.06 5.94 6.57
N LEU A 449 45.16 5.20 7.22
CA LEU A 449 44.51 4.08 6.57
C LEU A 449 43.60 4.54 5.43
N LEU A 450 42.82 5.61 5.66
CA LEU A 450 41.87 6.09 4.65
C LEU A 450 42.59 6.63 3.43
N TYR A 451 43.65 7.42 3.63
CA TYR A 451 44.37 7.94 2.48
C TYR A 451 45.28 6.91 1.81
N SER A 452 45.77 5.91 2.54
CA SER A 452 46.45 4.79 1.90
C SER A 452 45.51 4.03 0.99
N SER A 453 44.29 3.77 1.46
CA SER A 453 43.30 3.07 0.64
C SER A 453 42.83 3.92 -0.54
N LEU A 454 42.68 5.24 -0.32
CA LEU A 454 42.27 6.14 -1.41
C LEU A 454 43.34 6.24 -2.49
N TYR A 455 44.60 6.41 -2.09
CA TYR A 455 45.68 6.50 -3.07
C TYR A 455 45.88 5.16 -3.76
N SER A 456 45.65 4.06 -3.04
CA SER A 456 45.72 2.74 -3.66
C SER A 456 44.62 2.56 -4.69
N THR A 457 43.42 3.07 -4.42
CA THR A 457 42.34 3.05 -5.42
C THR A 457 42.72 3.87 -6.64
N TYR A 458 43.33 5.04 -6.40
CA TYR A 458 43.79 5.92 -7.49
C TYR A 458 44.76 5.20 -8.42
N LEU A 459 45.80 4.57 -7.87
CA LEU A 459 46.76 3.92 -8.75
C LEU A 459 46.27 2.54 -9.18
N TRP A 460 45.27 1.98 -8.49
CA TRP A 460 44.74 0.69 -8.87
C TRP A 460 43.88 0.79 -10.11
N THR A 461 43.27 1.96 -10.33
CA THR A 461 42.60 2.21 -11.61
C THR A 461 43.58 2.14 -12.78
N GLY A 462 44.74 2.78 -12.62
CA GLY A 462 45.76 2.72 -13.66
C GLY A 462 46.36 1.34 -13.82
N LEU A 463 46.52 0.61 -12.71
CA LEU A 463 47.03 -0.76 -12.79
C LEU A 463 46.05 -1.69 -13.50
N LEU A 464 44.76 -1.52 -13.24
CA LEU A 464 43.75 -2.29 -13.96
C LEU A 464 43.73 -1.96 -15.44
N ALA A 465 43.88 -0.67 -15.78
CA ALA A 465 43.93 -0.28 -17.19
C ALA A 465 45.18 -0.84 -17.89
N ILE A 466 46.32 -0.83 -17.19
CA ILE A 466 47.55 -1.35 -17.76
C ILE A 466 47.47 -2.87 -17.93
N SER A 467 46.84 -3.55 -16.99
CA SER A 467 46.64 -4.99 -17.12
C SER A 467 45.69 -5.33 -18.25
N LEU A 468 44.65 -4.51 -18.44
CA LEU A 468 43.75 -4.71 -19.57
C LEU A 468 44.46 -4.48 -20.90
N PHE A 469 45.33 -3.47 -20.97
CA PHE A 469 46.11 -3.23 -22.18
C PHE A 469 47.11 -4.35 -22.45
N LEU A 470 47.70 -4.91 -21.39
CA LEU A 470 48.61 -6.03 -21.56
C LEU A 470 47.90 -7.30 -21.98
N LEU A 471 46.70 -7.54 -21.45
CA LEU A 471 45.95 -8.74 -21.82
C LEU A 471 45.35 -8.60 -23.21
N LYS A 472 45.09 -7.37 -23.64
CA LYS A 472 44.55 -7.15 -24.98
C LYS A 472 45.58 -7.39 -26.07
N LYS A 473 46.88 -7.34 -25.75
CA LYS A 473 47.91 -7.57 -26.74
C LYS A 473 48.03 -9.05 -27.09
N ARG A 474 47.59 -9.94 -26.19
CA ARG A 474 47.61 -11.40 -26.31
C ARG A 474 49.01 -11.96 -26.52
N GLU A 475 50.05 -11.29 -26.02
CA GLU A 475 51.40 -11.77 -26.17
C GLU A 475 51.75 -12.75 -25.06
N ARG A 476 52.89 -13.43 -25.22
CA ARG A 476 53.36 -14.40 -24.24
C ARG A 476 54.24 -13.73 -23.18
N VAL A 477 53.62 -12.80 -22.46
CA VAL A 477 54.28 -12.08 -21.37
C VAL A 477 53.62 -12.49 -20.06
N GLN A 478 54.40 -13.10 -19.17
CA GLN A 478 53.91 -13.51 -17.85
C GLN A 478 53.75 -12.25 -17.00
N ILE A 479 52.51 -11.81 -16.81
CA ILE A 479 52.22 -10.59 -16.08
C ILE A 479 52.47 -10.81 -14.59
N PRO A 480 53.35 -10.02 -13.96
CA PRO A 480 53.61 -10.16 -12.53
C PRO A 480 52.51 -9.56 -11.68
N VAL A 481 51.45 -10.36 -11.48
CA VAL A 481 50.30 -9.94 -10.69
C VAL A 481 50.67 -9.75 -9.23
N GLY A 482 51.58 -10.58 -8.71
CA GLY A 482 52.05 -10.39 -7.35
C GLY A 482 52.83 -9.11 -7.16
N ILE A 483 53.67 -8.78 -8.15
CA ILE A 483 54.42 -7.52 -8.10
C ILE A 483 53.48 -6.33 -8.26
N ILE A 484 52.42 -6.49 -9.07
CA ILE A 484 51.43 -5.43 -9.24
C ILE A 484 50.66 -5.19 -7.94
N ILE A 485 50.29 -6.27 -7.25
CA ILE A 485 49.60 -6.16 -5.97
C ILE A 485 50.52 -5.56 -4.91
N ILE A 486 51.81 -5.92 -4.95
CA ILE A 486 52.80 -5.37 -4.02
C ILE A 486 52.96 -3.88 -4.26
N SER A 487 53.00 -3.46 -5.53
CA SER A 487 53.07 -2.03 -5.85
C SER A 487 51.82 -1.30 -5.40
N GLY A 488 50.64 -1.90 -5.65
CA GLY A 488 49.39 -1.25 -5.29
C GLY A 488 49.16 -1.16 -3.79
N TRP A 489 49.76 -2.06 -3.02
CA TRP A 489 49.70 -2.00 -1.57
C TRP A 489 50.86 -1.25 -0.93
N GLY A 490 51.94 -1.01 -1.68
CA GLY A 490 53.10 -0.40 -1.06
C GLY A 490 53.29 1.07 -1.43
N ILE A 491 53.02 1.44 -2.68
CA ILE A 491 53.24 2.82 -3.13
C ILE A 491 52.32 3.80 -2.40
N PRO A 492 51.01 3.54 -2.26
CA PRO A 492 50.18 4.40 -1.41
C PRO A 492 50.60 4.37 0.06
N ALA A 493 51.06 3.22 0.56
CA ALA A 493 51.56 3.15 1.92
C ALA A 493 52.86 3.95 2.08
N LEU A 494 53.72 3.92 1.05
CA LEU A 494 54.94 4.72 1.09
C LEU A 494 54.62 6.21 1.04
N LEU A 495 53.61 6.58 0.24
CA LEU A 495 53.19 7.98 0.20
C LEU A 495 52.60 8.43 1.53
N VAL A 496 51.83 7.56 2.18
CA VAL A 496 51.26 7.88 3.49
C VAL A 496 52.36 8.01 4.54
N GLY A 497 53.37 7.13 4.48
CA GLY A 497 54.48 7.24 5.40
C GLY A 497 55.31 8.48 5.18
N VAL A 498 55.49 8.88 3.92
CA VAL A 498 56.22 10.11 3.60
C VAL A 498 55.44 11.33 4.08
N LEU A 499 54.12 11.30 3.93
CA LEU A 499 53.30 12.41 4.42
C LEU A 499 53.26 12.46 5.94
N LEU A 500 53.37 11.30 6.60
CA LEU A 500 53.44 11.30 8.06
C LEU A 500 54.80 11.80 8.56
N ILE A 501 55.87 11.42 7.89
CA ILE A 501 57.21 11.79 8.33
C ILE A 501 57.49 13.26 8.04
N THR A 502 57.11 13.76 6.87
CA THR A 502 57.49 15.09 6.44
C THR A 502 56.40 16.13 6.64
N GLY A 503 55.13 15.75 6.58
CA GLY A 503 54.06 16.72 6.65
C GLY A 503 53.85 17.23 8.07
N LYS A 504 53.25 18.41 8.16
CA LYS A 504 52.93 19.02 9.45
C LYS A 504 51.43 18.91 9.70
N HIS A 505 51.07 18.45 10.89
CA HIS A 505 49.66 18.26 11.23
C HIS A 505 48.97 19.60 11.44
N ASN A 506 47.76 19.73 10.92
CA ASN A 506 46.95 20.94 11.05
C ASN A 506 45.85 20.66 12.08
N GLY A 507 45.99 21.25 13.26
CA GLY A 507 45.03 21.01 14.33
C GLY A 507 43.70 21.72 14.12
N ASP A 508 43.68 22.79 13.32
CA ASP A 508 42.46 23.54 13.08
C ASP A 508 41.70 23.06 11.86
N SER A 509 42.18 22.02 11.18
CA SER A 509 41.55 21.52 9.97
C SER A 509 40.64 20.34 10.34
N ILE A 510 39.33 20.52 10.15
CA ILE A 510 38.39 19.44 10.41
C ILE A 510 38.08 18.62 9.15
N ASP A 511 38.40 19.14 7.97
CA ASP A 511 38.21 18.40 6.74
C ASP A 511 39.38 17.43 6.54
N SER A 512 39.10 16.32 5.85
CA SER A 512 40.13 15.32 5.61
C SER A 512 41.13 15.76 4.55
N ALA A 513 40.74 16.67 3.67
CA ALA A 513 41.58 17.05 2.54
C ALA A 513 42.78 17.90 2.94
N PHE A 514 42.79 18.47 4.14
CA PHE A 514 43.88 19.30 4.61
C PHE A 514 44.47 18.78 5.92
N PHE A 515 44.69 17.47 6.00
CA PHE A 515 45.24 16.88 7.21
C PHE A 515 46.71 17.29 7.41
N TYR A 516 47.50 17.24 6.34
CA TYR A 516 48.90 17.64 6.39
C TYR A 516 49.16 18.97 5.68
N GLY A 517 48.11 19.69 5.30
CA GLY A 517 48.31 20.96 4.64
C GLY A 517 48.58 20.78 3.16
N LYS A 518 49.49 21.61 2.64
CA LYS A 518 49.75 21.59 1.20
C LYS A 518 50.59 20.39 0.79
N GLU A 519 51.26 19.75 1.76
CA GLU A 519 52.05 18.56 1.45
C GLU A 519 51.17 17.39 1.07
N GLN A 520 50.02 17.24 1.73
CA GLN A 520 49.11 16.15 1.42
C GLN A 520 48.43 16.35 0.07
N MET A 521 48.07 17.60 -0.24
CA MET A 521 47.39 17.88 -1.51
C MET A 521 48.36 17.75 -2.68
N ILE A 522 49.64 18.04 -2.45
CA ILE A 522 50.65 17.86 -3.49
C ILE A 522 50.86 16.37 -3.77
N THR A 523 50.82 15.54 -2.74
CA THR A 523 50.96 14.10 -2.92
C THR A 523 49.76 13.50 -3.63
N THR A 524 48.56 14.02 -3.32
CA THR A 524 47.37 13.53 -4.00
C THR A 524 47.33 13.99 -5.45
N ALA A 525 47.89 15.16 -5.74
CA ALA A 525 47.92 15.66 -7.11
C ALA A 525 48.89 14.86 -7.97
N VAL A 526 50.04 14.49 -7.41
CA VAL A 526 51.03 13.72 -8.15
C VAL A 526 50.53 12.31 -8.40
N THR A 527 49.83 11.73 -7.43
CA THR A 527 49.29 10.38 -7.59
C THR A 527 48.16 10.35 -8.60
N LEU A 528 47.31 11.37 -8.61
CA LEU A 528 46.18 11.41 -9.54
C LEU A 528 46.66 11.69 -10.96
N PHE A 529 47.68 12.53 -11.12
CA PHE A 529 48.18 12.85 -12.45
C PHE A 529 48.93 11.68 -13.06
N CYS A 530 49.68 10.94 -12.24
CA CYS A 530 50.41 9.78 -12.76
C CYS A 530 49.46 8.65 -13.11
N SER A 531 48.39 8.48 -12.34
CA SER A 531 47.44 7.39 -12.60
C SER A 531 46.59 7.67 -13.82
N ILE A 532 46.17 8.92 -14.02
CA ILE A 532 45.34 9.28 -15.16
C ILE A 532 46.13 9.18 -16.46
N LEU A 533 47.41 9.56 -16.40
CA LEU A 533 48.25 9.47 -17.59
C LEU A 533 48.57 8.03 -17.95
N ILE A 534 48.75 7.17 -16.94
CA ILE A 534 49.03 5.76 -17.19
C ILE A 534 47.79 5.06 -17.73
N ALA A 535 46.63 5.37 -17.16
CA ALA A 535 45.39 4.75 -17.63
C ALA A 535 44.95 5.33 -18.96
N GLY A 536 45.22 6.61 -19.20
CA GLY A 536 44.85 7.22 -20.47
C GLY A 536 45.64 6.67 -21.65
N ILE A 537 46.92 6.37 -21.41
CA ILE A 537 47.75 5.78 -22.47
C ILE A 537 47.32 4.34 -22.75
N SER A 538 46.95 3.60 -21.70
CA SER A 538 46.53 2.22 -21.88
C SER A 538 45.16 2.13 -22.54
N LEU A 539 44.27 3.08 -22.24
CA LEU A 539 42.94 3.07 -22.83
C LEU A 539 42.98 3.44 -24.30
N MET A 540 43.85 4.39 -24.67
CA MET A 540 43.99 4.77 -26.08
C MET A 540 44.72 3.69 -26.87
N CYS A 541 45.61 2.94 -26.22
CA CYS A 541 46.31 1.86 -26.91
C CYS A 541 45.40 0.66 -27.15
N MET A 542 44.36 0.49 -26.34
CA MET A 542 43.45 -0.64 -26.50
C MET A 542 42.59 -0.48 -27.74
N ASN A 543 42.18 0.75 -28.05
CA ASN A 543 41.35 0.98 -29.24
C ASN A 543 42.17 0.86 -30.51
N GLN A 544 43.44 1.30 -30.47
CA GLN A 544 44.28 1.24 -31.65
C GLN A 544 44.73 -0.19 -31.95
N THR A 545 44.95 -0.99 -30.90
CA THR A 545 45.39 -2.36 -31.11
C THR A 545 44.25 -3.24 -31.61
N ALA A 546 43.02 -2.96 -31.16
CA ALA A 546 41.86 -3.75 -31.57
C ALA A 546 41.47 -3.43 -33.00
N LEU A 653 30.50 -10.94 -21.31
CA LEU A 653 30.86 -9.80 -20.48
C LEU A 653 32.28 -9.38 -20.72
N GLN A 654 33.14 -9.76 -19.79
CA GLN A 654 34.57 -9.43 -19.89
C GLN A 654 34.94 -8.01 -20.30
N LEU A 655 35.45 -7.86 -21.53
CA LEU A 655 36.00 -6.58 -21.95
C LEU A 655 34.91 -5.56 -22.27
N THR A 656 33.68 -6.04 -22.48
CA THR A 656 32.54 -5.17 -22.78
C THR A 656 32.21 -4.28 -21.59
N ARG A 657 32.26 -4.77 -20.38
CA ARG A 657 31.95 -3.84 -19.31
C ARG A 657 33.21 -3.32 -18.67
N HIS A 658 34.28 -4.10 -18.72
CA HIS A 658 35.49 -3.70 -18.01
C HIS A 658 35.95 -2.30 -18.39
N VAL A 659 35.82 -1.96 -19.67
CA VAL A 659 36.35 -0.70 -20.19
C VAL A 659 35.61 0.49 -19.61
N LEU A 660 34.28 0.38 -19.52
CA LEU A 660 33.48 1.51 -19.04
C LEU A 660 33.69 1.77 -17.56
N LEU A 661 33.87 0.71 -16.77
CA LEU A 661 34.23 0.88 -15.36
C LEU A 661 35.62 1.51 -15.25
N CYS A 662 36.53 1.16 -16.15
CA CYS A 662 37.77 1.92 -16.26
C CYS A 662 37.52 3.32 -16.78
N LEU A 663 36.54 3.47 -17.69
CA LEU A 663 36.28 4.78 -18.28
C LEU A 663 35.66 5.74 -17.27
N LEU A 664 34.70 5.27 -16.49
CA LEU A 664 33.95 6.16 -15.59
C LEU A 664 34.81 6.64 -14.43
N LEU A 665 35.88 5.91 -14.10
CA LEU A 665 36.75 6.33 -13.01
C LEU A 665 37.66 7.46 -13.43
N ILE A 666 38.00 7.52 -14.73
CA ILE A 666 38.88 8.57 -15.25
C ILE A 666 38.21 9.94 -15.16
N ILE A 667 36.90 10.01 -15.38
CA ILE A 667 36.17 11.26 -15.13
C ILE A 667 36.21 11.60 -13.64
N GLY A 668 36.17 10.58 -12.78
CA GLY A 668 36.35 10.82 -11.36
C GLY A 668 37.76 11.28 -11.01
N LEU A 669 38.78 10.70 -11.63
CA LEU A 669 40.14 11.12 -11.35
C LEU A 669 40.45 12.48 -11.96
N PHE A 670 39.78 12.83 -13.06
CA PHE A 670 39.98 14.14 -13.67
C PHE A 670 39.40 15.24 -12.79
N ALA A 671 38.24 14.99 -12.19
CA ALA A 671 37.67 15.97 -11.26
C ALA A 671 38.44 16.00 -9.94
N ASN A 672 39.06 14.88 -9.58
CA ASN A 672 39.92 14.86 -8.39
C ASN A 672 41.18 15.68 -8.61
N LEU A 673 41.72 15.63 -9.84
CA LEU A 673 42.98 16.32 -10.12
C LEU A 673 42.80 17.83 -10.16
N SER A 674 41.65 18.29 -10.66
CA SER A 674 41.44 19.72 -10.88
C SER A 674 41.30 20.48 -9.57
N SER A 675 40.71 19.86 -8.55
CA SER A 675 40.56 20.53 -7.27
C SER A 675 41.88 20.67 -6.54
N CYS A 676 42.77 19.70 -6.73
CA CYS A 676 44.13 19.84 -6.20
C CYS A 676 44.90 20.93 -6.93
N LEU A 677 44.65 21.08 -8.24
CA LEU A 677 45.27 22.17 -8.99
C LEU A 677 44.66 23.52 -8.61
N TRP A 678 43.37 23.51 -8.25
CA TRP A 678 42.70 24.76 -7.91
C TRP A 678 43.20 25.33 -6.58
N TRP A 679 43.54 24.45 -5.63
CA TRP A 679 43.94 24.92 -4.31
C TRP A 679 45.33 25.52 -4.31
N LEU A 680 46.25 24.96 -5.10
CA LEU A 680 47.61 25.48 -5.08
C LEU A 680 47.75 26.80 -5.81
N PHE A 681 47.07 26.96 -6.95
CA PHE A 681 47.21 28.17 -7.75
C PHE A 681 46.36 29.33 -7.26
N ASN A 682 45.28 29.06 -6.53
CA ASN A 682 44.39 30.10 -6.03
C ASN A 682 44.42 30.11 -4.50
N GLN A 683 44.70 31.27 -3.92
CA GLN A 683 44.77 31.37 -2.46
C GLN A 683 43.38 31.38 -1.83
N GLU A 684 42.41 32.04 -2.47
CA GLU A 684 41.08 32.17 -1.91
C GLU A 684 40.17 31.10 -2.47
N PRO A 685 39.61 30.22 -1.63
CA PRO A 685 38.65 29.23 -2.12
C PRO A 685 37.30 29.85 -2.46
N GLY A 686 36.93 29.84 -3.73
CA GLY A 686 35.65 30.36 -4.16
C GLY A 686 34.54 29.34 -4.08
N ARG A 687 33.37 29.75 -4.56
CA ARG A 687 32.22 28.85 -4.57
C ARG A 687 32.38 27.71 -5.58
N LEU A 688 33.08 27.99 -6.69
CA LEU A 688 33.41 26.92 -7.62
C LEU A 688 34.34 25.90 -7.00
N TYR A 689 35.22 26.33 -6.09
CA TYR A 689 36.02 25.37 -5.34
C TYR A 689 35.17 24.53 -4.40
N VAL A 690 34.11 25.12 -3.83
CA VAL A 690 33.20 24.37 -2.97
C VAL A 690 32.47 23.31 -3.77
N GLU A 691 31.98 23.67 -4.97
CA GLU A 691 31.31 22.71 -5.83
C GLU A 691 32.28 21.61 -6.29
N LEU A 692 33.52 21.98 -6.59
CA LEU A 692 34.50 20.99 -7.03
C LEU A 692 34.93 20.07 -5.91
N GLN A 693 35.00 20.58 -4.67
CA GLN A 693 35.31 19.73 -3.53
C GLN A 693 34.16 18.78 -3.23
N PHE A 694 32.92 19.24 -3.41
CA PHE A 694 31.77 18.36 -3.26
C PHE A 694 31.79 17.26 -4.32
N PHE A 695 32.09 17.61 -5.57
CA PHE A 695 32.19 16.60 -6.61
C PHE A 695 33.36 15.66 -6.37
N CYS A 696 34.43 16.16 -5.74
CA CYS A 696 35.52 15.30 -5.32
C CYS A 696 35.04 14.29 -4.30
N ALA A 697 34.19 14.71 -3.36
CA ALA A 697 33.65 13.79 -2.37
C ALA A 697 32.79 12.71 -3.02
N VAL A 698 31.92 13.08 -3.97
CA VAL A 698 31.05 12.08 -4.59
C VAL A 698 31.85 11.12 -5.49
N PHE A 699 32.72 11.64 -6.35
CA PHE A 699 33.49 10.75 -7.21
C PHE A 699 34.66 10.09 -6.51
N ASN A 700 34.92 10.45 -5.25
CA ASN A 700 35.93 9.80 -4.44
C ASN A 700 35.34 8.68 -3.58
N PHE A 701 34.12 8.86 -3.11
CA PHE A 701 33.61 8.03 -2.05
C PHE A 701 32.42 7.19 -2.48
N GLY A 702 31.89 7.44 -3.68
CA GLY A 702 30.85 6.65 -4.29
C GLY A 702 31.31 5.82 -5.45
N GLN A 703 32.61 5.56 -5.57
CA GLN A 703 33.12 4.70 -6.64
C GLN A 703 32.64 3.27 -6.47
N GLY A 704 32.38 2.85 -5.23
CA GLY A 704 31.80 1.54 -5.00
C GLY A 704 30.41 1.42 -5.57
N PHE A 705 29.65 2.51 -5.59
CA PHE A 705 28.32 2.50 -6.20
C PHE A 705 28.39 2.25 -7.70
N ILE A 706 29.32 2.94 -8.38
CA ILE A 706 29.51 2.75 -9.82
C ILE A 706 30.01 1.34 -10.10
N SER A 707 30.95 0.87 -9.29
CA SER A 707 31.47 -0.49 -9.44
C SER A 707 30.40 -1.54 -9.23
N PHE A 708 29.53 -1.34 -8.24
CA PHE A 708 28.42 -2.27 -7.98
C PHE A 708 27.42 -2.26 -9.12
N GLY A 709 27.11 -1.07 -9.65
CA GLY A 709 26.19 -0.98 -10.77
C GLY A 709 26.72 -1.64 -12.03
N ILE A 710 28.04 -1.62 -12.22
CA ILE A 710 28.60 -2.27 -13.40
C ILE A 710 28.76 -3.77 -13.18
N PHE A 711 29.33 -4.18 -12.05
CA PHE A 711 29.74 -5.56 -11.83
C PHE A 711 28.71 -6.38 -11.04
N GLY A 712 28.29 -5.87 -9.88
CA GLY A 712 27.51 -6.69 -8.96
C GLY A 712 26.12 -7.03 -9.47
N LEU A 713 25.46 -6.06 -10.11
CA LEU A 713 24.13 -6.28 -10.67
C LEU A 713 24.25 -6.96 -12.02
N ASP A 714 24.59 -8.26 -11.97
CA ASP A 714 24.70 -9.05 -13.20
C ASP A 714 24.39 -10.51 -12.96
N LYS A 715 23.77 -11.19 -13.94
CA LYS A 715 23.32 -12.54 -13.74
C LYS A 715 24.41 -13.56 -13.94
N HIS A 716 23.99 -14.77 -14.22
CA HIS A 716 24.93 -15.87 -14.46
C HIS A 716 25.79 -16.17 -13.24
N LEU A 717 26.68 -15.24 -12.88
CA LEU A 717 27.57 -15.42 -11.74
C LEU A 717 26.81 -15.45 -10.41
N PRO B 34 -16.91 10.58 30.42
CA PRO B 34 -16.02 9.59 29.81
C PRO B 34 -16.69 8.80 28.70
N PRO B 35 -16.60 9.29 27.45
CA PRO B 35 -17.15 8.54 26.32
C PRO B 35 -16.46 7.20 26.10
N SER B 36 -15.11 7.22 26.14
CA SER B 36 -14.22 6.06 26.04
C SER B 36 -14.31 5.33 24.71
N MET B 37 -15.02 5.90 23.73
CA MET B 37 -15.17 5.33 22.40
C MET B 37 -15.55 6.47 21.47
N SER B 38 -14.75 6.69 20.43
CA SER B 38 -15.12 7.66 19.39
C SER B 38 -16.05 7.00 18.38
N ILE B 39 -17.27 6.74 18.85
CA ILE B 39 -18.21 5.91 18.12
C ILE B 39 -18.81 6.66 16.93
N THR B 40 -18.65 7.98 16.90
CA THR B 40 -19.08 8.77 15.75
C THR B 40 -18.29 8.40 14.50
N ARG B 41 -16.99 8.14 14.65
CA ARG B 41 -16.10 7.88 13.53
C ARG B 41 -15.80 6.39 13.36
N LEU B 42 -16.74 5.53 13.75
CA LEU B 42 -16.60 4.10 13.49
C LEU B 42 -17.13 3.69 12.12
N PHE B 43 -18.25 4.25 11.69
CA PHE B 43 -18.81 3.89 10.38
C PHE B 43 -17.93 4.26 9.20
N PRO B 44 -17.19 5.40 9.17
CA PRO B 44 -16.18 5.54 8.10
C PRO B 44 -15.09 4.48 8.13
N ALA B 45 -14.71 4.01 9.33
CA ALA B 45 -13.75 2.92 9.41
C ALA B 45 -14.30 1.61 8.89
N LEU B 46 -15.55 1.29 9.21
CA LEU B 46 -16.18 0.10 8.63
C LEU B 46 -16.47 0.27 7.16
N LEU B 47 -16.57 1.49 6.67
CA LEU B 47 -16.67 1.72 5.23
C LEU B 47 -15.34 1.52 4.52
N GLU B 48 -14.22 1.98 5.08
CA GLU B 48 -12.92 1.77 4.46
C GLU B 48 -12.54 0.29 4.42
N CYS B 49 -12.73 -0.41 5.55
CA CYS B 49 -12.18 -1.75 5.70
C CYS B 49 -12.93 -2.76 4.85
N PHE B 50 -14.18 -2.46 4.53
CA PHE B 50 -14.97 -3.33 3.68
C PHE B 50 -15.18 -2.77 2.28
N GLY B 51 -14.91 -1.48 2.07
CA GLY B 51 -14.92 -0.96 0.72
C GLY B 51 -13.69 -1.37 -0.05
N ILE B 52 -12.54 -1.46 0.62
CA ILE B 52 -11.36 -1.97 -0.07
C ILE B 52 -11.50 -3.48 -0.33
N VAL B 53 -12.14 -4.21 0.60
CA VAL B 53 -12.44 -5.62 0.39
C VAL B 53 -13.40 -5.79 -0.79
N LEU B 54 -14.41 -4.91 -0.88
CA LEU B 54 -15.34 -4.94 -2.00
C LEU B 54 -14.66 -4.60 -3.32
N CYS B 55 -13.71 -3.65 -3.30
CA CYS B 55 -12.94 -3.34 -4.50
C CYS B 55 -12.09 -4.52 -4.95
N GLY B 56 -11.47 -5.22 -4.00
CA GLY B 56 -10.71 -6.40 -4.33
C GLY B 56 -11.57 -7.52 -4.88
N TYR B 57 -12.78 -7.68 -4.33
CA TYR B 57 -13.71 -8.70 -4.81
C TYR B 57 -14.22 -8.37 -6.21
N ILE B 58 -14.51 -7.09 -6.46
CA ILE B 58 -14.97 -6.65 -7.78
C ILE B 58 -13.88 -6.86 -8.82
N ALA B 59 -12.64 -6.52 -8.47
CA ALA B 59 -11.52 -6.72 -9.38
C ALA B 59 -11.26 -8.19 -9.63
N GLY B 60 -11.47 -9.04 -8.62
CA GLY B 60 -11.30 -10.47 -8.82
C GLY B 60 -12.36 -11.07 -9.72
N ARG B 61 -13.63 -10.77 -9.51
CA ARG B 61 -14.68 -11.39 -10.30
C ARG B 61 -14.76 -10.80 -11.70
N ALA B 62 -14.52 -9.52 -11.88
CA ALA B 62 -14.65 -8.96 -13.22
C ALA B 62 -13.81 -9.77 -14.20
N ASN B 63 -12.49 -9.69 -13.85
CA ASN B 63 -11.43 -10.44 -14.48
C ASN B 63 -10.21 -9.52 -14.57
N VAL B 64 -10.16 -8.40 -13.87
CA VAL B 64 -9.06 -7.43 -13.89
C VAL B 64 -7.80 -8.04 -13.29
N ILE B 65 -7.92 -8.70 -12.14
CA ILE B 65 -6.84 -9.43 -11.51
C ILE B 65 -7.33 -10.86 -11.29
N THR B 66 -6.70 -11.82 -11.95
CA THR B 66 -7.13 -13.20 -11.80
C THR B 66 -6.53 -13.78 -10.52
N SER B 67 -6.59 -15.11 -10.39
CA SER B 67 -6.10 -15.76 -9.17
C SER B 67 -4.59 -15.79 -9.11
N THR B 68 -3.93 -16.04 -10.25
CA THR B 68 -2.48 -16.15 -10.30
C THR B 68 -1.82 -14.81 -10.01
N GLN B 69 -2.39 -13.71 -10.52
CA GLN B 69 -1.84 -12.39 -10.26
C GLN B 69 -2.13 -11.93 -8.84
N ALA B 70 -3.29 -12.34 -8.30
CA ALA B 70 -3.58 -12.12 -6.89
C ALA B 70 -2.59 -12.86 -6.00
N LYS B 71 -2.06 -13.99 -6.47
CA LYS B 71 -1.00 -14.66 -5.72
C LYS B 71 0.26 -13.80 -5.62
N GLY B 72 0.60 -13.06 -6.67
CA GLY B 72 1.74 -12.15 -6.60
C GLY B 72 1.50 -10.97 -5.68
N LEU B 73 0.29 -10.41 -5.71
CA LEU B 73 -0.05 -9.36 -4.75
C LEU B 73 -0.02 -9.87 -3.31
N GLY B 74 -0.49 -11.10 -3.08
CA GLY B 74 -0.39 -11.69 -1.76
C GLY B 74 1.03 -11.98 -1.34
N ASN B 75 1.89 -12.33 -2.30
CA ASN B 75 3.31 -12.52 -2.01
C ASN B 75 3.94 -11.23 -1.52
N PHE B 76 3.63 -10.11 -2.19
CA PHE B 76 4.12 -8.82 -1.73
C PHE B 76 3.61 -8.50 -0.33
N VAL B 77 2.31 -8.67 -0.09
CA VAL B 77 1.72 -8.29 1.20
C VAL B 77 2.27 -9.16 2.33
N SER B 78 2.33 -10.47 2.12
CA SER B 78 2.72 -11.36 3.19
C SER B 78 4.23 -11.46 3.39
N ARG B 79 5.05 -10.98 2.45
CA ARG B 79 6.47 -11.08 2.65
C ARG B 79 7.20 -9.76 2.78
N PHE B 80 6.61 -8.63 2.42
CA PHE B 80 7.31 -7.35 2.50
C PHE B 80 6.60 -6.34 3.37
N ALA B 81 5.29 -6.17 3.22
CA ALA B 81 4.60 -5.11 3.95
C ALA B 81 4.32 -5.51 5.39
N LEU B 82 3.80 -6.72 5.59
CA LEU B 82 3.48 -7.19 6.95
C LEU B 82 4.69 -7.35 7.87
N PRO B 83 5.83 -7.95 7.46
CA PRO B 83 7.00 -7.96 8.36
C PRO B 83 7.52 -6.59 8.72
N ALA B 84 7.49 -5.63 7.81
CA ALA B 84 7.92 -4.27 8.15
C ALA B 84 6.99 -3.60 9.15
N LEU B 85 5.67 -3.81 9.00
CA LEU B 85 4.70 -3.27 9.95
C LEU B 85 4.90 -3.85 11.35
N LEU B 86 5.02 -5.18 11.43
CA LEU B 86 5.24 -5.82 12.73
C LEU B 86 6.56 -5.41 13.33
N PHE B 87 7.62 -5.33 12.53
CA PHE B 87 8.94 -4.98 13.05
C PHE B 87 8.97 -3.55 13.56
N LYS B 88 8.36 -2.62 12.84
CA LYS B 88 8.30 -1.24 13.31
C LYS B 88 7.50 -1.12 14.60
N ASN B 89 6.30 -1.72 14.63
CA ASN B 89 5.42 -1.53 15.78
C ASN B 89 5.89 -2.31 17.00
N MET B 90 6.79 -3.29 16.81
CA MET B 90 7.39 -3.93 17.97
C MET B 90 8.69 -3.26 18.35
N VAL B 91 9.30 -2.50 17.45
CA VAL B 91 10.46 -1.69 17.82
C VAL B 91 10.03 -0.54 18.72
N VAL B 92 8.96 0.18 18.35
CA VAL B 92 8.62 1.37 19.13
C VAL B 92 7.70 1.09 20.31
N LEU B 93 7.45 -0.18 20.63
CA LEU B 93 6.45 -0.51 21.65
C LEU B 93 7.00 -0.27 23.05
N ASN B 94 6.14 0.24 23.93
CA ASN B 94 6.51 0.61 25.30
C ASN B 94 6.08 -0.50 26.25
N PHE B 95 7.02 -1.31 26.70
CA PHE B 95 6.70 -2.40 27.62
C PHE B 95 6.49 -1.95 29.05
N SER B 96 6.79 -0.70 29.38
CA SER B 96 6.58 -0.22 30.74
C SER B 96 5.11 0.08 31.02
N ASN B 97 4.34 0.44 29.99
CA ASN B 97 2.97 0.89 30.17
C ASN B 97 1.93 -0.13 29.73
N VAL B 98 2.32 -1.39 29.54
CA VAL B 98 1.38 -2.42 29.10
C VAL B 98 0.64 -2.98 30.31
N ASP B 99 -0.68 -2.88 30.28
CA ASP B 99 -1.54 -3.51 31.30
C ASP B 99 -1.56 -4.97 30.89
N TRP B 100 -0.78 -5.80 31.58
CA TRP B 100 -0.70 -7.22 31.26
C TRP B 100 -1.94 -7.99 31.62
N SER B 101 -2.75 -7.49 32.56
CA SER B 101 -3.93 -8.19 33.04
C SER B 101 -4.93 -8.42 31.92
N PHE B 102 -5.17 -7.38 31.12
CA PHE B 102 -6.00 -7.49 29.93
C PHE B 102 -5.43 -8.52 28.95
N LEU B 103 -4.10 -8.55 28.82
CA LEU B 103 -3.46 -9.43 27.85
C LEU B 103 -3.65 -10.90 28.24
N TYR B 104 -3.36 -11.28 29.49
CA TYR B 104 -3.54 -12.71 29.74
C TYR B 104 -4.99 -13.06 30.03
N SER B 105 -5.85 -12.08 30.32
CA SER B 105 -7.29 -12.37 30.36
C SER B 105 -7.82 -12.70 28.98
N ILE B 106 -7.42 -11.91 27.97
CA ILE B 106 -7.78 -12.18 26.59
C ILE B 106 -7.23 -13.53 26.12
N LEU B 107 -5.99 -13.85 26.47
CA LEU B 107 -5.44 -15.16 26.14
C LEU B 107 -6.11 -16.32 26.87
N ILE B 108 -6.53 -16.13 28.13
CA ILE B 108 -7.26 -17.18 28.85
C ILE B 108 -8.61 -17.44 28.17
N ALA B 109 -9.26 -16.39 27.69
CA ALA B 109 -10.51 -16.55 26.95
C ALA B 109 -10.34 -17.36 25.67
N LYS B 110 -9.29 -17.04 24.91
CA LYS B 110 -9.00 -17.77 23.68
C LYS B 110 -8.61 -19.21 23.96
N ALA B 111 -7.87 -19.43 25.05
CA ALA B 111 -7.49 -20.79 25.44
C ALA B 111 -8.72 -21.61 25.82
N SER B 112 -9.68 -21.00 26.53
CA SER B 112 -10.90 -21.70 26.89
C SER B 112 -11.73 -22.05 25.66
N VAL B 113 -11.84 -21.13 24.71
CA VAL B 113 -12.56 -21.38 23.47
C VAL B 113 -11.90 -22.51 22.68
N PHE B 114 -10.57 -22.46 22.57
CA PHE B 114 -9.81 -23.51 21.89
C PHE B 114 -10.01 -24.87 22.56
N PHE B 115 -9.98 -24.89 23.89
CA PHE B 115 -10.12 -26.14 24.64
C PHE B 115 -11.49 -26.76 24.44
N ILE B 116 -12.57 -25.96 24.54
CA ILE B 116 -13.89 -26.54 24.41
C ILE B 116 -14.17 -26.97 22.97
N VAL B 117 -13.75 -26.17 21.98
CA VAL B 117 -14.03 -26.52 20.58
C VAL B 117 -13.25 -27.77 20.19
N CYS B 118 -12.00 -27.88 20.65
CA CYS B 118 -11.23 -29.11 20.43
C CYS B 118 -11.86 -30.30 21.13
N VAL B 119 -12.44 -30.10 22.32
CA VAL B 119 -12.98 -31.23 23.08
C VAL B 119 -14.19 -31.82 22.36
N LEU B 120 -15.17 -30.98 21.99
CA LEU B 120 -16.33 -31.58 21.32
C LEU B 120 -16.04 -31.95 19.87
N THR B 121 -15.06 -31.31 19.22
CA THR B 121 -14.67 -31.77 17.90
C THR B 121 -13.99 -33.14 17.97
N LEU B 122 -13.29 -33.41 19.06
CA LEU B 122 -12.73 -34.74 19.26
C LEU B 122 -13.81 -35.77 19.56
N LEU B 123 -14.82 -35.41 20.36
CA LEU B 123 -15.84 -36.42 20.67
C LEU B 123 -16.77 -36.74 19.49
N VAL B 124 -17.31 -35.73 18.79
CA VAL B 124 -18.47 -35.95 17.94
C VAL B 124 -18.10 -36.22 16.48
N ALA B 125 -16.85 -36.02 16.10
CA ALA B 125 -16.51 -36.14 14.69
C ALA B 125 -16.27 -37.59 14.29
N SER B 126 -16.26 -37.83 12.98
CA SER B 126 -16.04 -39.16 12.44
C SER B 126 -14.59 -39.59 12.64
N PRO B 127 -14.35 -40.89 12.87
CA PRO B 127 -12.98 -41.35 13.17
C PRO B 127 -11.97 -41.14 12.06
N ASP B 128 -12.40 -41.14 10.80
CA ASP B 128 -11.45 -40.98 9.70
C ASP B 128 -10.97 -39.55 9.57
N SER B 129 -11.70 -38.59 10.15
CA SER B 129 -11.34 -37.18 10.04
C SER B 129 -11.53 -36.43 11.35
N ARG B 130 -11.38 -37.11 12.50
CA ARG B 130 -11.55 -36.41 13.77
C ARG B 130 -10.33 -35.54 14.08
N PHE B 131 -9.15 -35.94 13.61
CA PHE B 131 -7.95 -35.22 13.99
C PHE B 131 -7.75 -33.96 13.15
N SER B 132 -8.07 -34.03 11.85
CA SER B 132 -7.98 -32.83 11.02
C SER B 132 -8.97 -31.77 11.46
N LYS B 133 -10.20 -32.19 11.77
CA LYS B 133 -11.20 -31.23 12.25
C LYS B 133 -10.82 -30.69 13.63
N ALA B 134 -10.32 -31.57 14.52
CA ALA B 134 -9.91 -31.12 15.84
C ALA B 134 -8.66 -30.24 15.80
N GLY B 135 -7.89 -30.29 14.71
CA GLY B 135 -6.75 -29.40 14.60
C GLY B 135 -7.01 -28.14 13.81
N LEU B 136 -8.04 -28.11 12.98
CA LEU B 136 -8.30 -26.92 12.17
C LEU B 136 -9.50 -26.10 12.63
N PHE B 137 -10.54 -26.72 13.17
CA PHE B 137 -11.69 -25.97 13.68
C PHE B 137 -11.35 -25.07 14.87
N PRO B 138 -10.62 -25.50 15.91
CA PRO B 138 -10.28 -24.54 16.97
C PRO B 138 -9.30 -23.46 16.54
N ILE B 139 -8.50 -23.71 15.51
CA ILE B 139 -7.73 -22.63 14.91
C ILE B 139 -8.65 -21.65 14.20
N PHE B 140 -9.70 -22.17 13.55
CA PHE B 140 -10.67 -21.33 12.88
C PHE B 140 -11.46 -20.48 13.87
N ALA B 141 -11.72 -21.00 15.06
CA ALA B 141 -12.57 -20.32 16.03
C ALA B 141 -11.79 -19.42 16.98
N THR B 142 -10.49 -19.22 16.76
CA THR B 142 -9.72 -18.37 17.67
C THR B 142 -8.83 -17.35 17.00
N GLN B 143 -8.61 -17.42 15.69
CA GLN B 143 -7.67 -16.54 15.04
C GLN B 143 -8.25 -15.41 14.37
N SER B 144 -8.23 -14.30 15.00
CA SER B 144 -8.92 -13.15 14.42
C SER B 144 -8.12 -12.55 13.27
N ASN B 145 -8.81 -11.74 12.46
CA ASN B 145 -8.18 -10.99 11.38
C ASN B 145 -7.76 -9.62 11.92
N ASP B 146 -6.70 -9.56 12.74
CA ASP B 146 -6.35 -8.33 13.41
C ASP B 146 -5.51 -7.35 12.72
N PHE B 147 -4.51 -7.71 11.98
CA PHE B 147 -3.65 -6.68 11.40
C PHE B 147 -4.30 -6.01 10.21
N ALA B 148 -5.22 -6.69 9.52
CA ALA B 148 -5.84 -6.11 8.33
C ALA B 148 -7.08 -5.31 8.69
N LEU B 149 -8.01 -5.91 9.42
CA LEU B 149 -9.30 -5.31 9.74
C LEU B 149 -9.38 -4.73 11.14
N GLY B 150 -8.82 -5.41 12.13
CA GLY B 150 -8.97 -4.96 13.51
C GLY B 150 -8.22 -3.66 13.77
N TYR B 151 -7.03 -3.52 13.20
CA TYR B 151 -6.20 -2.36 13.47
C TYR B 151 -6.80 -1.02 12.98
N PRO B 152 -7.38 -0.90 11.77
CA PRO B 152 -8.03 0.39 11.44
C PRO B 152 -9.26 0.68 12.27
N ILE B 153 -10.03 -0.34 12.64
CA ILE B 153 -11.24 -0.13 13.44
C ILE B 153 -10.86 0.30 14.86
N VAL B 154 -9.87 -0.36 15.46
CA VAL B 154 -9.39 0.01 16.78
C VAL B 154 -8.73 1.38 16.73
N GLU B 155 -8.03 1.69 15.63
CA GLU B 155 -7.44 3.02 15.45
C GLU B 155 -8.50 4.10 15.40
N ALA B 156 -9.62 3.84 14.72
CA ALA B 156 -10.67 4.84 14.66
C ALA B 156 -11.37 5.00 15.99
N LEU B 157 -11.62 3.90 16.70
CA LEU B 157 -12.37 3.99 17.94
C LEU B 157 -11.50 4.47 19.11
N TYR B 158 -10.18 4.38 19.00
CA TYR B 158 -9.33 4.54 20.16
C TYR B 158 -8.06 5.35 19.94
N GLN B 159 -8.00 6.21 18.92
CA GLN B 159 -6.82 7.06 18.79
C GLN B 159 -6.92 8.29 19.69
N THR B 160 -8.08 8.93 19.74
CA THR B 160 -8.21 10.22 20.38
C THR B 160 -8.61 10.14 21.84
N THR B 161 -9.03 8.98 22.33
CA THR B 161 -9.50 8.84 23.70
C THR B 161 -8.54 8.04 24.56
N TYR B 162 -8.22 6.81 24.15
CA TYR B 162 -7.27 5.95 24.84
C TYR B 162 -6.26 5.43 23.82
N PRO B 163 -5.20 6.18 23.54
CA PRO B 163 -4.27 5.77 22.48
C PRO B 163 -3.44 4.54 22.82
N GLU B 164 -3.47 4.09 24.06
CA GLU B 164 -2.65 2.94 24.43
C GLU B 164 -3.28 1.60 24.10
N TYR B 165 -4.51 1.56 23.62
CA TYR B 165 -5.08 0.26 23.29
C TYR B 165 -4.67 -0.25 21.92
N LEU B 166 -4.00 0.56 21.11
CA LEU B 166 -3.66 0.12 19.76
C LEU B 166 -2.52 -0.90 19.77
N GLN B 167 -1.66 -0.85 20.78
CA GLN B 167 -0.53 -1.77 20.83
C GLN B 167 -0.94 -3.18 21.26
N TYR B 168 -2.12 -3.34 21.85
CA TYR B 168 -2.58 -4.65 22.27
C TYR B 168 -2.88 -5.58 21.11
N ILE B 169 -3.14 -5.05 19.91
CA ILE B 169 -3.34 -5.91 18.76
C ILE B 169 -2.04 -6.63 18.40
N TYR B 170 -0.97 -5.86 18.23
CA TYR B 170 0.36 -6.38 17.93
C TYR B 170 0.97 -7.15 19.09
N LEU B 171 0.50 -6.93 20.32
CA LEU B 171 0.94 -7.78 21.42
C LEU B 171 0.16 -9.09 21.52
N VAL B 172 -1.16 -9.06 21.33
CA VAL B 172 -1.98 -10.21 21.66
C VAL B 172 -2.01 -11.22 20.52
N ALA B 173 -2.18 -10.74 19.27
CA ALA B 173 -2.33 -11.66 18.13
C ALA B 173 -1.13 -12.60 17.91
N PRO B 174 0.14 -12.16 17.98
CA PRO B 174 1.22 -13.17 17.84
C PRO B 174 1.39 -14.07 19.04
N ILE B 175 1.14 -13.58 20.26
CA ILE B 175 1.21 -14.46 21.43
C ILE B 175 0.10 -15.50 21.36
N SER B 176 -1.08 -15.10 20.91
CA SER B 176 -2.18 -16.04 20.69
C SER B 176 -1.83 -17.07 19.63
N LEU B 177 -1.18 -16.63 18.55
CA LEU B 177 -0.71 -17.56 17.52
C LEU B 177 0.27 -18.58 18.10
N MET B 178 1.28 -18.10 18.83
CA MET B 178 2.31 -18.98 19.37
C MET B 178 1.77 -19.92 20.43
N MET B 179 0.76 -19.50 21.18
CA MET B 179 0.27 -20.34 22.27
C MET B 179 -0.94 -21.18 21.88
N LEU B 180 -1.53 -21.00 20.70
CA LEU B 180 -2.66 -21.83 20.30
C LEU B 180 -2.40 -22.67 19.06
N ASN B 181 -1.63 -22.18 18.08
CA ASN B 181 -1.38 -22.94 16.87
C ASN B 181 -0.64 -24.28 17.01
N PRO B 182 0.42 -24.45 17.86
CA PRO B 182 1.07 -25.76 17.92
C PRO B 182 0.17 -26.91 18.36
N ILE B 183 -0.80 -26.63 19.23
CA ILE B 183 -1.74 -27.67 19.67
C ILE B 183 -2.59 -28.15 18.51
N GLY B 184 -3.06 -27.24 17.67
CA GLY B 184 -3.78 -27.64 16.47
C GLY B 184 -2.89 -28.35 15.46
N PHE B 185 -1.67 -27.84 15.27
CA PHE B 185 -0.77 -28.39 14.26
C PHE B 185 -0.32 -29.80 14.61
N ILE B 186 -0.26 -30.12 15.91
CA ILE B 186 0.00 -31.50 16.32
C ILE B 186 -1.09 -32.43 15.81
N PHE B 187 -2.36 -32.00 15.91
CA PHE B 187 -3.47 -32.83 15.47
C PHE B 187 -3.50 -32.97 13.95
N CYS B 188 -3.25 -31.88 13.22
CA CYS B 188 -3.21 -31.99 11.76
C CYS B 188 -2.03 -32.84 11.29
N GLU B 189 -0.90 -32.78 12.01
CA GLU B 189 0.22 -33.63 11.62
C GLU B 189 -0.03 -35.09 12.00
N ILE B 190 -0.87 -35.32 13.02
CA ILE B 190 -1.32 -36.68 13.32
C ILE B 190 -2.20 -37.20 12.18
N GLN B 191 -3.06 -36.34 11.64
CA GLN B 191 -3.88 -36.74 10.50
C GLN B 191 -3.03 -36.99 9.26
N LYS B 192 -1.95 -36.22 9.08
CA LYS B 192 -1.02 -36.48 7.98
C LYS B 192 -0.24 -37.77 8.23
N TRP B 193 0.03 -38.07 9.50
CA TRP B 193 0.68 -39.31 9.89
C TRP B 193 -0.19 -40.53 9.62
N LYS B 194 -1.50 -40.35 9.72
CA LYS B 194 -2.48 -41.43 9.61
C LYS B 194 -2.44 -42.13 8.25
N ASP B 195 -2.31 -41.35 7.17
CA ASP B 195 -2.29 -41.93 5.83
C ASP B 195 -1.03 -42.76 5.60
N THR B 196 0.11 -42.28 6.09
CA THR B 196 1.37 -43.00 5.98
C THR B 196 1.38 -44.25 6.85
N GLN B 197 1.12 -44.09 8.16
CA GLN B 197 0.83 -45.19 9.07
C GLN B 197 1.92 -46.24 9.18
N ASN B 198 2.98 -45.91 9.90
CA ASN B 198 4.13 -46.81 10.08
C ASN B 198 4.23 -47.05 11.58
N ALA B 199 3.35 -46.36 12.32
CA ALA B 199 3.35 -46.30 13.78
C ALA B 199 4.75 -45.98 14.30
N SER B 200 5.32 -44.90 13.76
CA SER B 200 6.72 -44.54 13.95
C SER B 200 7.02 -44.11 15.38
N GLN B 201 5.99 -43.64 16.11
CA GLN B 201 6.15 -42.84 17.32
C GLN B 201 7.06 -41.67 17.02
N ASN B 202 8.12 -41.50 17.83
CA ASN B 202 9.07 -40.38 17.72
C ASN B 202 8.33 -39.05 17.82
N LYS B 203 7.79 -38.78 19.02
CA LYS B 203 6.95 -37.62 19.25
C LYS B 203 7.70 -36.30 19.02
N ILE B 204 9.03 -36.32 19.15
CA ILE B 204 9.83 -35.14 18.86
C ILE B 204 9.70 -34.77 17.39
N LYS B 205 9.72 -35.78 16.51
CA LYS B 205 9.68 -35.62 15.06
C LYS B 205 8.40 -34.91 14.59
N ILE B 206 7.29 -35.10 15.31
CA ILE B 206 6.02 -34.51 14.93
C ILE B 206 5.75 -33.20 15.65
N VAL B 207 5.93 -33.15 16.98
CA VAL B 207 5.61 -31.92 17.69
C VAL B 207 6.65 -30.83 17.41
N GLY B 208 7.89 -31.22 17.12
CA GLY B 208 8.87 -30.23 16.70
C GLY B 208 8.62 -29.76 15.28
N LEU B 209 8.02 -30.62 14.46
CA LEU B 209 7.60 -30.19 13.13
C LEU B 209 6.50 -29.14 13.23
N GLY B 210 5.53 -29.36 14.11
CA GLY B 210 4.50 -28.36 14.35
C GLY B 210 5.05 -27.06 14.92
N LEU B 211 6.00 -27.18 15.85
CA LEU B 211 6.62 -26.00 16.45
C LEU B 211 7.42 -25.21 15.42
N LEU B 212 8.15 -25.89 14.53
CA LEU B 212 8.94 -25.16 13.55
C LEU B 212 8.05 -24.60 12.44
N ARG B 213 6.89 -25.23 12.21
CA ARG B 213 5.91 -24.61 11.33
C ARG B 213 5.36 -23.32 11.94
N VAL B 214 5.18 -23.31 13.27
CA VAL B 214 4.77 -22.09 13.95
C VAL B 214 5.87 -21.03 13.85
N LEU B 215 7.13 -21.42 14.04
CA LEU B 215 8.22 -20.44 14.05
C LEU B 215 8.53 -19.91 12.65
N GLN B 216 8.20 -20.68 11.62
CA GLN B 216 8.45 -20.21 10.25
C GLN B 216 7.39 -19.27 9.74
N ASN B 217 6.31 -19.06 10.50
CA ASN B 217 5.32 -18.05 10.18
C ASN B 217 5.94 -16.66 10.32
N PRO B 218 5.76 -15.75 9.36
CA PRO B 218 6.43 -14.43 9.41
C PRO B 218 6.09 -13.58 10.61
N ILE B 219 4.85 -13.69 11.11
CA ILE B 219 4.44 -12.91 12.28
C ILE B 219 5.25 -13.29 13.51
N VAL B 220 5.49 -14.59 13.71
CA VAL B 220 6.12 -15.07 14.94
C VAL B 220 7.59 -14.63 15.01
N PHE B 221 8.38 -14.92 13.97
CA PHE B 221 9.79 -14.55 14.08
C PHE B 221 9.99 -13.06 13.84
N MET B 222 9.07 -12.39 13.15
CA MET B 222 9.20 -10.93 13.09
C MET B 222 8.87 -10.28 14.43
N VAL B 223 7.97 -10.87 15.21
CA VAL B 223 7.74 -10.36 16.56
C VAL B 223 8.92 -10.68 17.47
N PHE B 224 9.58 -11.84 17.28
CA PHE B 224 10.78 -12.15 18.03
C PHE B 224 11.91 -11.15 17.73
N ILE B 225 12.10 -10.84 16.44
CA ILE B 225 13.14 -9.88 16.04
C ILE B 225 12.80 -8.47 16.54
N GLY B 226 11.52 -8.12 16.50
CA GLY B 226 11.11 -6.83 17.05
C GLY B 226 11.30 -6.73 18.55
N ILE B 227 11.08 -7.84 19.27
CA ILE B 227 11.33 -7.87 20.71
C ILE B 227 12.81 -7.68 20.99
N ALA B 228 13.68 -8.34 20.21
CA ALA B 228 15.12 -8.18 20.39
C ALA B 228 15.57 -6.75 20.10
N PHE B 229 15.12 -6.19 18.98
CA PHE B 229 15.54 -4.84 18.60
C PHE B 229 14.89 -3.76 19.43
N ASN B 230 13.81 -4.07 20.16
CA ASN B 230 13.26 -3.11 21.10
C ASN B 230 14.23 -2.85 22.24
N PHE B 231 14.93 -3.89 22.68
CA PHE B 231 15.91 -3.72 23.75
C PHE B 231 17.28 -3.32 23.21
N ILE B 232 17.59 -3.69 21.96
CA ILE B 232 18.90 -3.32 21.41
C ILE B 232 18.94 -1.83 21.08
N LEU B 233 17.95 -1.33 20.34
CA LEU B 233 17.97 0.05 19.85
C LEU B 233 17.41 1.05 20.85
N ASP B 234 16.92 0.58 21.99
CA ASP B 234 16.25 1.37 23.03
C ASP B 234 15.06 2.09 22.40
N ARG B 235 14.08 1.27 22.00
CA ARG B 235 12.71 1.66 21.65
C ARG B 235 12.62 2.72 20.54
N LYS B 236 13.67 2.88 19.73
CA LYS B 236 13.67 3.92 18.71
C LYS B 236 14.22 3.36 17.42
N VAL B 237 13.43 3.49 16.35
CA VAL B 237 13.82 3.05 15.01
C VAL B 237 14.91 4.00 14.50
N PRO B 238 15.94 3.49 13.82
CA PRO B 238 16.97 4.38 13.28
C PRO B 238 16.43 5.27 12.17
N VAL B 239 17.01 6.47 12.07
CA VAL B 239 16.46 7.51 11.21
C VAL B 239 16.65 7.16 9.74
N TYR B 240 17.71 6.43 9.41
CA TYR B 240 17.93 6.02 8.04
C TYR B 240 16.95 4.93 7.60
N VAL B 241 16.38 4.20 8.57
CA VAL B 241 15.53 3.05 8.29
C VAL B 241 14.05 3.39 8.59
N GLU B 242 13.81 4.49 9.29
CA GLU B 242 12.47 4.87 9.74
C GLU B 242 11.51 5.10 8.58
N ASN B 243 11.94 5.88 7.58
CA ASN B 243 11.08 6.19 6.45
C ASN B 243 10.84 4.97 5.56
N PHE B 244 11.85 4.10 5.43
CA PHE B 244 11.67 2.87 4.67
C PHE B 244 10.65 1.95 5.33
N LEU B 245 10.72 1.83 6.65
CA LEU B 245 9.75 1.00 7.37
C LEU B 245 8.36 1.62 7.36
N ASP B 246 8.27 2.96 7.40
CA ASP B 246 6.98 3.62 7.29
C ASP B 246 6.38 3.42 5.90
N GLY B 247 7.20 3.49 4.86
CA GLY B 247 6.69 3.31 3.51
C GLY B 247 6.24 1.88 3.25
N LEU B 248 6.93 0.90 3.81
CA LEU B 248 6.48 -0.48 3.65
C LEU B 248 5.35 -0.84 4.60
N GLY B 249 5.22 -0.16 5.74
CA GLY B 249 4.19 -0.52 6.69
C GLY B 249 2.86 0.15 6.42
N ASN B 250 2.90 1.36 5.87
CA ASN B 250 1.66 2.05 5.51
C ASN B 250 1.00 1.48 4.28
N SER B 251 1.72 0.66 3.51
CA SER B 251 1.14 -0.02 2.36
C SER B 251 0.56 -1.38 2.71
N PHE B 252 0.55 -1.77 3.98
CA PHE B 252 0.01 -3.07 4.34
C PHE B 252 -1.51 -3.04 4.37
N SER B 253 -2.11 -1.94 4.81
CA SER B 253 -3.53 -1.93 5.11
C SER B 253 -4.38 -2.06 3.85
N GLY B 254 -4.21 -1.12 2.90
CA GLY B 254 -5.02 -1.14 1.70
C GLY B 254 -4.76 -2.36 0.82
N SER B 255 -3.49 -2.71 0.64
CA SER B 255 -3.16 -3.87 -0.17
C SER B 255 -3.55 -5.18 0.50
N ALA B 256 -3.52 -5.24 1.82
CA ALA B 256 -3.94 -6.44 2.53
C ALA B 256 -5.44 -6.63 2.45
N LEU B 257 -6.21 -5.55 2.60
CA LEU B 257 -7.66 -5.63 2.42
C LEU B 257 -8.02 -5.97 0.98
N PHE B 258 -7.26 -5.42 0.03
CA PHE B 258 -7.49 -5.73 -1.38
C PHE B 258 -7.22 -7.20 -1.69
N TYR B 259 -6.13 -7.75 -1.15
CA TYR B 259 -5.85 -9.16 -1.36
C TYR B 259 -6.85 -10.06 -0.65
N LEU B 260 -7.35 -9.62 0.51
CA LEU B 260 -8.43 -10.35 1.18
C LEU B 260 -9.68 -10.37 0.31
N GLY B 261 -10.01 -9.24 -0.31
CA GLY B 261 -11.15 -9.23 -1.22
C GLY B 261 -10.93 -10.09 -2.44
N LEU B 262 -9.69 -10.14 -2.94
CA LEU B 262 -9.36 -11.00 -4.07
C LEU B 262 -9.42 -12.48 -3.71
N THR B 263 -9.20 -12.82 -2.44
CA THR B 263 -9.20 -14.21 -2.00
C THR B 263 -10.60 -14.85 -2.05
N MET B 264 -11.66 -14.06 -1.96
CA MET B 264 -13.01 -14.57 -1.76
C MET B 264 -13.74 -14.98 -3.03
N VAL B 265 -13.12 -14.83 -4.21
CA VAL B 265 -13.87 -14.97 -5.46
C VAL B 265 -14.12 -16.45 -5.72
N GLY B 266 -15.38 -16.87 -5.62
CA GLY B 266 -15.77 -18.22 -5.94
C GLY B 266 -15.41 -19.27 -4.93
N LYS B 267 -15.03 -18.88 -3.71
CA LYS B 267 -14.59 -19.83 -2.72
C LYS B 267 -15.69 -20.29 -1.78
N ILE B 268 -16.92 -19.79 -1.93
CA ILE B 268 -17.96 -20.17 -0.97
C ILE B 268 -18.48 -21.57 -1.28
N LYS B 269 -18.48 -21.97 -2.56
CA LYS B 269 -18.80 -23.31 -3.07
C LYS B 269 -20.25 -23.66 -2.66
N ARG B 270 -20.69 -24.91 -2.80
CA ARG B 270 -21.90 -25.38 -2.14
C ARG B 270 -21.48 -26.12 -0.87
N LEU B 271 -22.45 -26.67 -0.13
CA LEU B 271 -22.12 -27.49 1.02
C LEU B 271 -23.04 -28.70 1.14
N LYS B 272 -22.99 -29.36 2.29
CA LYS B 272 -23.69 -30.61 2.54
C LYS B 272 -24.50 -30.40 3.82
N LYS B 273 -25.54 -31.21 4.04
CA LYS B 273 -26.30 -31.18 5.28
C LYS B 273 -25.40 -31.48 6.47
N SER B 274 -25.59 -30.70 7.55
CA SER B 274 -24.86 -30.64 8.82
C SER B 274 -23.48 -30.01 8.68
N ALA B 275 -22.98 -29.83 7.45
CA ALA B 275 -21.84 -28.95 7.24
C ALA B 275 -22.26 -27.49 7.32
N PHE B 276 -23.46 -27.19 6.82
CA PHE B 276 -24.12 -25.93 7.08
C PHE B 276 -24.25 -25.68 8.58
N VAL B 277 -24.62 -26.73 9.33
CA VAL B 277 -24.85 -26.60 10.76
C VAL B 277 -23.53 -26.37 11.50
N VAL B 278 -22.47 -27.11 11.13
CA VAL B 278 -21.19 -26.93 11.81
C VAL B 278 -20.55 -25.61 11.42
N LEU B 279 -20.87 -25.10 10.22
CA LEU B 279 -20.39 -23.77 9.84
C LEU B 279 -21.07 -22.69 10.66
N ILE B 280 -22.40 -22.82 10.87
CA ILE B 280 -23.13 -21.95 11.77
C ILE B 280 -22.56 -22.01 13.18
N LEU B 281 -22.25 -23.21 13.67
CA LEU B 281 -21.71 -23.36 15.03
C LEU B 281 -20.33 -22.73 15.18
N LEU B 282 -19.45 -22.89 14.19
CA LEU B 282 -18.10 -22.32 14.30
C LEU B 282 -18.12 -20.80 14.21
N ILE B 283 -18.85 -20.25 13.24
CA ILE B 283 -18.91 -18.78 13.12
C ILE B 283 -19.65 -18.18 14.30
N THR B 284 -20.68 -18.87 14.80
CA THR B 284 -21.38 -18.46 16.01
C THR B 284 -20.45 -18.47 17.20
N ALA B 285 -19.61 -19.50 17.32
CA ALA B 285 -18.64 -19.59 18.41
C ALA B 285 -17.66 -18.43 18.38
N LYS B 286 -17.01 -18.23 17.23
CA LYS B 286 -15.99 -17.20 17.07
C LYS B 286 -16.55 -15.79 17.29
N LEU B 287 -17.75 -15.51 16.74
CA LEU B 287 -18.23 -14.14 16.78
C LEU B 287 -19.14 -13.89 17.97
N LEU B 288 -19.52 -14.93 18.72
CA LEU B 288 -20.44 -14.74 19.83
C LEU B 288 -19.84 -15.16 21.18
N VAL B 289 -19.37 -16.39 21.33
CA VAL B 289 -19.06 -16.83 22.69
C VAL B 289 -17.63 -16.45 23.04
N LEU B 290 -16.76 -16.25 22.05
CA LEU B 290 -15.44 -15.68 22.32
C LEU B 290 -15.50 -14.25 22.84
N PRO B 291 -16.30 -13.32 22.28
CA PRO B 291 -16.38 -11.99 22.93
C PRO B 291 -17.00 -11.98 24.33
N LEU B 292 -18.02 -12.80 24.61
CA LEU B 292 -18.55 -12.82 25.97
C LEU B 292 -17.57 -13.45 26.95
N LEU B 293 -16.82 -14.45 26.52
CA LEU B 293 -15.76 -15.00 27.37
C LEU B 293 -14.65 -13.97 27.59
N CYS B 294 -14.33 -13.18 26.56
CA CYS B 294 -13.32 -12.13 26.72
C CYS B 294 -13.77 -11.09 27.73
N ARG B 295 -15.03 -10.64 27.63
CA ARG B 295 -15.56 -9.69 28.61
C ARG B 295 -15.60 -10.28 30.01
N GLU B 296 -16.03 -11.54 30.14
CA GLU B 296 -16.18 -12.12 31.46
C GLU B 296 -14.83 -12.35 32.13
N MET B 297 -13.84 -12.83 31.39
CA MET B 297 -12.52 -13.02 31.98
C MET B 297 -11.81 -11.70 32.22
N VAL B 298 -12.10 -10.66 31.44
CA VAL B 298 -11.52 -9.35 31.73
C VAL B 298 -12.15 -8.76 32.98
N GLU B 299 -13.47 -8.91 33.14
CA GLU B 299 -14.13 -8.44 34.36
C GLU B 299 -13.76 -9.29 35.57
N LEU B 300 -13.31 -10.53 35.37
CA LEU B 300 -12.90 -11.39 36.46
C LEU B 300 -11.45 -11.18 36.86
N LEU B 301 -10.56 -10.87 35.91
CA LEU B 301 -9.13 -10.87 36.17
C LEU B 301 -8.53 -9.49 36.31
N ASP B 302 -9.04 -8.48 35.60
CA ASP B 302 -8.56 -7.12 35.78
C ASP B 302 -9.09 -6.57 37.10
N LYS B 303 -8.19 -6.37 38.07
CA LYS B 303 -8.57 -5.88 39.39
C LYS B 303 -7.96 -4.50 39.66
N GLY B 304 -8.02 -3.61 38.67
CA GLY B 304 -7.50 -2.28 38.87
C GLY B 304 -8.41 -1.43 39.75
N ASP B 305 -7.87 -0.33 40.24
CA ASP B 305 -8.60 0.55 41.14
C ASP B 305 -9.39 1.63 40.39
N SER B 306 -9.36 1.64 39.07
CA SER B 306 -10.05 2.64 38.26
C SER B 306 -11.24 1.97 37.57
N VAL B 307 -12.45 2.48 37.83
CA VAL B 307 -13.65 1.87 37.30
C VAL B 307 -13.82 2.18 35.81
N VAL B 308 -13.51 3.41 35.40
CA VAL B 308 -13.68 3.81 34.01
C VAL B 308 -12.68 3.10 33.10
N ASN B 309 -11.45 2.91 33.59
CA ASN B 309 -10.47 2.10 32.87
C ASN B 309 -10.92 0.66 32.74
N HIS B 310 -11.53 0.11 33.81
CA HIS B 310 -12.05 -1.26 33.75
C HIS B 310 -13.19 -1.37 32.74
N THR B 311 -14.07 -0.37 32.68
CA THR B 311 -15.18 -0.41 31.74
C THR B 311 -14.69 -0.30 30.31
N SER B 312 -13.71 0.57 30.06
CA SER B 312 -13.15 0.69 28.72
C SER B 312 -12.41 -0.56 28.32
N LEU B 313 -11.71 -1.20 29.26
CA LEU B 313 -11.04 -2.47 28.97
C LEU B 313 -12.04 -3.58 28.68
N SER B 314 -13.17 -3.60 29.39
CA SER B 314 -14.19 -4.61 29.12
C SER B 314 -14.82 -4.42 27.75
N ASN B 315 -15.13 -3.17 27.39
CA ASN B 315 -15.70 -2.89 26.08
C ASN B 315 -14.70 -3.20 24.96
N TYR B 316 -13.43 -2.86 25.15
CA TYR B 316 -12.42 -3.17 24.15
C TYR B 316 -12.19 -4.67 24.03
N ALA B 317 -12.30 -5.39 25.15
CA ALA B 317 -12.16 -6.84 25.12
C ALA B 317 -13.31 -7.48 24.37
N PHE B 318 -14.52 -6.94 24.51
CA PHE B 318 -15.63 -7.45 23.71
C PHE B 318 -15.43 -7.14 22.25
N LEU B 319 -14.92 -5.95 21.95
CA LEU B 319 -14.73 -5.54 20.56
C LEU B 319 -13.64 -6.35 19.88
N TYR B 320 -12.64 -6.82 20.64
CA TYR B 320 -11.52 -7.54 20.04
C TYR B 320 -11.96 -8.88 19.47
N GLY B 321 -12.87 -9.57 20.14
CA GLY B 321 -13.28 -10.89 19.67
C GLY B 321 -14.20 -10.86 18.47
N VAL B 322 -14.75 -9.70 18.15
CA VAL B 322 -15.73 -9.56 17.08
C VAL B 322 -15.06 -9.55 15.70
N PHE B 323 -13.73 -9.45 15.65
CA PHE B 323 -13.02 -9.42 14.38
C PHE B 323 -13.16 -10.76 13.66
N PRO B 324 -13.22 -10.77 12.34
CA PRO B 324 -13.50 -12.02 11.62
C PRO B 324 -12.30 -12.95 11.60
N VAL B 325 -12.52 -14.13 11.01
CA VAL B 325 -11.47 -15.13 10.94
C VAL B 325 -10.43 -14.70 9.91
N ALA B 326 -9.15 -14.80 10.28
CA ALA B 326 -8.08 -14.40 9.40
C ALA B 326 -7.94 -15.38 8.23
N PRO B 327 -7.48 -14.91 7.07
CA PRO B 327 -7.28 -15.84 5.93
C PRO B 327 -6.11 -16.78 6.11
N GLY B 328 -5.29 -16.59 7.15
CA GLY B 328 -4.22 -17.51 7.45
C GLY B 328 -4.69 -18.90 7.81
N VAL B 329 -5.90 -19.03 8.36
CA VAL B 329 -6.45 -20.35 8.65
C VAL B 329 -6.77 -21.09 7.36
N ALA B 330 -7.33 -20.38 6.37
CA ALA B 330 -7.57 -21.01 5.07
C ALA B 330 -6.27 -21.32 4.36
N ILE B 331 -5.25 -20.48 4.55
CA ILE B 331 -3.91 -20.77 4.02
C ILE B 331 -3.36 -22.04 4.66
N PHE B 332 -3.55 -22.20 5.97
CA PHE B 332 -3.06 -23.36 6.70
C PHE B 332 -3.76 -24.63 6.25
N ALA B 333 -5.07 -24.54 6.04
CA ALA B 333 -5.82 -25.68 5.51
C ALA B 333 -5.42 -25.97 4.06
N THR B 334 -4.98 -24.95 3.32
CA THR B 334 -4.51 -25.18 1.96
C THR B 334 -3.18 -25.92 1.93
N GLN B 335 -2.22 -25.50 2.77
CA GLN B 335 -0.93 -26.18 2.81
C GLN B 335 -1.07 -27.58 3.39
N PHE B 336 -1.99 -27.78 4.32
CA PHE B 336 -2.24 -29.14 4.79
C PHE B 336 -3.06 -29.94 3.79
N ASN B 337 -3.86 -29.26 2.96
CA ASN B 337 -4.78 -29.83 1.97
C ASN B 337 -5.71 -30.82 2.71
N MET B 338 -6.37 -30.26 3.72
CA MET B 338 -7.42 -30.96 4.47
C MET B 338 -8.49 -29.95 4.81
N GLU B 339 -9.75 -30.31 4.54
CA GLU B 339 -10.94 -29.49 4.85
C GLU B 339 -10.83 -28.09 4.28
N VAL B 340 -10.38 -27.98 3.03
CA VAL B 340 -10.13 -26.67 2.43
C VAL B 340 -11.46 -25.95 2.16
N GLU B 341 -12.49 -26.70 1.74
CA GLU B 341 -13.77 -26.09 1.38
C GLU B 341 -14.46 -25.46 2.59
N ILE B 342 -14.48 -26.18 3.73
CA ILE B 342 -15.18 -25.70 4.91
C ILE B 342 -14.49 -24.47 5.48
N ILE B 343 -13.15 -24.49 5.57
CA ILE B 343 -12.43 -23.37 6.15
C ILE B 343 -12.45 -22.14 5.24
N THR B 344 -12.32 -22.35 3.92
CA THR B 344 -12.42 -21.22 3.00
C THR B 344 -13.81 -20.59 3.01
N SER B 345 -14.85 -21.43 3.00
CA SER B 345 -16.22 -20.93 3.10
C SER B 345 -16.45 -20.22 4.42
N GLY B 346 -15.84 -20.74 5.50
CA GLY B 346 -15.98 -20.10 6.79
C GLY B 346 -15.33 -18.75 6.87
N MET B 347 -14.16 -18.59 6.22
CA MET B 347 -13.51 -17.28 6.28
C MET B 347 -14.27 -16.25 5.45
N VAL B 348 -14.68 -16.62 4.22
CA VAL B 348 -15.38 -15.66 3.37
C VAL B 348 -16.80 -15.41 3.87
N ILE B 349 -17.33 -16.29 4.72
CA ILE B 349 -18.64 -16.06 5.30
C ILE B 349 -18.51 -15.19 6.53
N SER B 350 -17.49 -15.46 7.36
CA SER B 350 -17.31 -14.75 8.61
C SER B 350 -16.91 -13.30 8.38
N THR B 351 -16.17 -13.03 7.30
CA THR B 351 -15.80 -11.64 7.03
C THR B 351 -17.01 -10.80 6.64
N PHE B 352 -17.94 -11.36 5.88
CA PHE B 352 -19.15 -10.63 5.51
C PHE B 352 -20.03 -10.49 6.76
N VAL B 353 -20.21 -11.59 7.50
CA VAL B 353 -21.14 -11.62 8.63
C VAL B 353 -20.66 -10.72 9.76
N SER B 354 -19.35 -10.55 9.91
CA SER B 354 -18.83 -9.72 10.98
C SER B 354 -19.00 -8.23 10.69
N ALA B 355 -19.26 -7.86 9.43
CA ALA B 355 -19.37 -6.45 9.08
C ALA B 355 -20.50 -5.70 9.79
N PRO B 356 -21.73 -6.22 9.93
CA PRO B 356 -22.69 -5.50 10.79
C PRO B 356 -22.49 -5.77 12.26
N ILE B 357 -21.79 -6.84 12.64
CA ILE B 357 -21.71 -7.23 14.04
C ILE B 357 -20.82 -6.26 14.81
N MET B 358 -19.75 -5.75 14.17
CA MET B 358 -18.95 -4.68 14.79
C MET B 358 -19.78 -3.45 15.09
N TYR B 359 -20.60 -3.02 14.14
CA TYR B 359 -21.42 -1.81 14.32
C TYR B 359 -22.46 -2.01 15.42
N VAL B 360 -23.20 -3.11 15.35
CA VAL B 360 -24.27 -3.38 16.32
C VAL B 360 -23.68 -3.58 17.73
N SER B 361 -22.59 -4.34 17.82
CA SER B 361 -21.96 -4.59 19.11
C SER B 361 -21.39 -3.33 19.73
N ALA B 362 -20.72 -2.50 18.94
CA ALA B 362 -20.10 -1.30 19.49
C ALA B 362 -21.16 -0.28 19.91
N TRP B 363 -22.24 -0.14 19.13
CA TRP B 363 -23.30 0.74 19.58
C TRP B 363 -24.08 0.18 20.76
N LEU B 364 -24.12 -1.14 20.93
CA LEU B 364 -24.71 -1.68 22.15
C LEU B 364 -23.81 -1.46 23.35
N LEU B 365 -22.49 -1.50 23.16
CA LEU B 365 -21.58 -1.22 24.27
C LEU B 365 -21.61 0.24 24.69
N THR B 366 -21.79 1.17 23.75
CA THR B 366 -21.80 2.57 24.14
C THR B 366 -23.14 3.06 24.68
N PHE B 367 -24.20 2.24 24.59
CA PHE B 367 -25.52 2.61 25.09
C PHE B 367 -25.65 2.70 26.61
N PRO B 368 -24.85 1.95 27.43
CA PRO B 368 -24.75 2.31 28.85
C PRO B 368 -24.37 3.76 29.10
N THR B 369 -24.88 4.29 30.22
CA THR B 369 -24.90 5.71 30.57
C THR B 369 -25.62 6.50 29.49
N MET B 370 -24.86 7.26 28.68
CA MET B 370 -25.36 8.28 27.77
C MET B 370 -26.36 9.20 28.45
N ASP B 371 -27.45 9.52 27.76
CA ASP B 371 -28.61 10.18 28.36
C ASP B 371 -29.87 9.61 27.71
N PRO B 372 -31.03 9.69 28.39
CA PRO B 372 -32.31 9.26 27.79
C PRO B 372 -32.64 9.84 26.43
N LYS B 373 -32.66 11.17 26.31
CA LYS B 373 -33.22 11.79 25.12
C LYS B 373 -32.22 11.84 23.94
N PRO B 374 -30.91 12.14 24.12
CA PRO B 374 -30.01 12.00 22.95
C PRO B 374 -29.69 10.57 22.55
N LEU B 375 -30.26 9.56 23.22
CA LEU B 375 -30.21 8.20 22.72
C LEU B 375 -30.99 8.06 21.42
N ALA B 376 -32.05 8.87 21.25
CA ALA B 376 -32.85 8.81 20.04
C ALA B 376 -32.07 9.28 18.82
N TYR B 377 -31.22 10.30 18.98
CA TYR B 377 -30.34 10.70 17.89
C TYR B 377 -29.32 9.63 17.55
N ALA B 378 -28.85 8.88 18.55
CA ALA B 378 -27.94 7.76 18.28
C ALA B 378 -28.63 6.68 17.48
N ILE B 379 -29.89 6.37 17.84
CA ILE B 379 -30.69 5.39 17.11
C ILE B 379 -30.93 5.86 15.68
N GLN B 380 -31.25 7.14 15.51
CA GLN B 380 -31.47 7.72 14.18
C GLN B 380 -30.20 7.69 13.33
N ASN B 381 -29.05 7.99 13.94
CA ASN B 381 -27.78 7.95 13.23
C ASN B 381 -27.42 6.53 12.80
N VAL B 382 -27.68 5.55 13.67
CA VAL B 382 -27.42 4.16 13.32
C VAL B 382 -28.31 3.72 12.16
N SER B 383 -29.59 4.07 12.21
CA SER B 383 -30.51 3.69 11.14
C SER B 383 -30.14 4.37 9.82
N PHE B 384 -29.67 5.62 9.89
CA PHE B 384 -29.20 6.32 8.69
C PHE B 384 -27.98 5.63 8.09
N ASP B 385 -27.02 5.26 8.93
CA ASP B 385 -25.80 4.63 8.44
C ASP B 385 -26.07 3.23 7.88
N ILE B 386 -27.04 2.51 8.45
CA ILE B 386 -27.44 1.24 7.86
C ILE B 386 -28.17 1.46 6.54
N SER B 387 -29.04 2.48 6.47
CA SER B 387 -29.85 2.71 5.28
C SER B 387 -29.02 3.13 4.08
N ILE B 388 -27.86 3.77 4.30
CA ILE B 388 -26.97 4.09 3.17
C ILE B 388 -26.52 2.83 2.46
N VAL B 389 -25.99 1.87 3.22
CA VAL B 389 -25.47 0.63 2.66
C VAL B 389 -26.60 -0.22 2.11
N SER B 390 -27.74 -0.23 2.81
CA SER B 390 -28.89 -0.99 2.34
C SER B 390 -29.42 -0.45 1.03
N LEU B 391 -29.46 0.88 0.87
CA LEU B 391 -29.94 1.47 -0.37
C LEU B 391 -28.99 1.20 -1.53
N ILE B 392 -27.67 1.26 -1.28
CA ILE B 392 -26.72 1.01 -2.37
C ILE B 392 -26.77 -0.46 -2.80
N SER B 393 -26.83 -1.37 -1.83
CA SER B 393 -26.91 -2.80 -2.15
C SER B 393 -28.24 -3.15 -2.80
N LEU B 394 -29.31 -2.45 -2.41
CA LEU B 394 -30.61 -2.69 -3.02
C LEU B 394 -30.66 -2.19 -4.45
N ILE B 395 -30.01 -1.06 -4.72
CA ILE B 395 -29.89 -0.57 -6.09
C ILE B 395 -29.14 -1.59 -6.94
N TRP B 396 -28.06 -2.16 -6.40
CA TRP B 396 -27.31 -3.19 -7.13
C TRP B 396 -28.16 -4.43 -7.41
N SER B 397 -28.87 -4.94 -6.39
CA SER B 397 -29.64 -6.16 -6.57
C SER B 397 -30.83 -5.93 -7.49
N LEU B 398 -31.46 -4.75 -7.41
CA LEU B 398 -32.55 -4.42 -8.33
C LEU B 398 -32.06 -4.29 -9.75
N ALA B 399 -30.88 -3.69 -9.97
CA ALA B 399 -30.34 -3.60 -11.32
C ALA B 399 -30.02 -4.97 -11.88
N ILE B 400 -29.46 -5.86 -11.06
CA ILE B 400 -29.15 -7.22 -11.51
C ILE B 400 -30.43 -7.99 -11.83
N LEU B 401 -31.47 -7.83 -11.01
CA LEU B 401 -32.71 -8.56 -11.24
C LEU B 401 -33.47 -8.01 -12.44
N LEU B 402 -33.37 -6.70 -12.68
CA LEU B 402 -34.07 -6.11 -13.81
C LEU B 402 -33.38 -6.43 -15.13
N LEU B 403 -32.03 -6.36 -15.15
CA LEU B 403 -31.32 -6.57 -16.40
C LEU B 403 -31.29 -8.04 -16.80
N SER B 404 -31.43 -8.94 -15.84
CA SER B 404 -31.40 -10.37 -16.16
C SER B 404 -32.74 -10.89 -16.64
N LYS B 405 -33.79 -10.07 -16.62
CA LYS B 405 -35.14 -10.35 -17.11
C LYS B 405 -35.79 -11.53 -16.40
N LYS B 406 -35.39 -11.83 -15.17
CA LYS B 406 -36.08 -12.85 -14.38
C LYS B 406 -37.18 -12.28 -13.51
N TYR B 407 -37.42 -10.97 -13.58
CA TYR B 407 -38.43 -10.35 -12.74
C TYR B 407 -39.84 -10.70 -13.20
N LYS B 408 -40.02 -11.06 -14.48
CA LYS B 408 -41.35 -11.38 -14.97
C LYS B 408 -41.82 -12.77 -14.58
N GLN B 409 -40.93 -13.67 -14.16
CA GLN B 409 -41.30 -15.03 -13.82
C GLN B 409 -41.41 -15.16 -12.31
N LEU B 410 -42.39 -15.94 -11.88
CA LEU B 410 -42.57 -16.24 -10.46
C LEU B 410 -41.40 -17.09 -9.96
N PRO B 411 -41.01 -16.94 -8.69
CA PRO B 411 -41.55 -16.05 -7.65
C PRO B 411 -40.83 -14.71 -7.59
N HIS B 412 -40.03 -14.38 -8.61
CA HIS B 412 -39.11 -13.26 -8.49
C HIS B 412 -39.83 -11.91 -8.64
N MET B 413 -41.08 -11.90 -9.11
CA MET B 413 -41.83 -10.66 -9.22
C MET B 413 -42.15 -10.10 -7.83
N LEU B 414 -42.56 -10.97 -6.92
CA LEU B 414 -42.84 -10.54 -5.56
C LEU B 414 -41.55 -10.14 -4.85
N THR B 415 -40.44 -10.79 -5.18
CA THR B 415 -39.15 -10.35 -4.65
C THR B 415 -38.78 -8.97 -5.15
N THR B 416 -39.03 -8.68 -6.43
CA THR B 416 -38.76 -7.35 -6.98
C THR B 416 -39.61 -6.29 -6.30
N ASN B 417 -40.88 -6.62 -6.05
CA ASN B 417 -41.76 -5.72 -5.29
C ASN B 417 -41.24 -5.50 -3.87
N LEU B 418 -40.72 -6.57 -3.24
CA LEU B 418 -40.18 -6.48 -1.89
C LEU B 418 -38.95 -5.59 -1.83
N LEU B 419 -38.03 -5.76 -2.79
CA LEU B 419 -36.82 -4.93 -2.78
C LEU B 419 -37.15 -3.48 -3.11
N ILE B 420 -38.14 -3.25 -3.96
CA ILE B 420 -38.59 -1.89 -4.23
C ILE B 420 -39.15 -1.25 -2.97
N ALA B 421 -39.95 -2.02 -2.20
CA ALA B 421 -40.52 -1.51 -0.96
C ALA B 421 -39.45 -1.20 0.08
N GLN B 422 -38.43 -2.06 0.18
CA GLN B 422 -37.33 -1.80 1.10
C GLN B 422 -36.50 -0.60 0.65
N SER B 423 -36.41 -0.38 -0.66
CA SER B 423 -35.77 0.83 -1.16
C SER B 423 -36.55 2.08 -0.79
N ILE B 424 -37.89 2.01 -0.83
CA ILE B 424 -38.69 3.13 -0.37
C ILE B 424 -38.54 3.34 1.13
N VAL B 425 -38.33 2.26 1.89
CA VAL B 425 -38.04 2.39 3.33
C VAL B 425 -36.76 3.18 3.56
N CYS B 426 -35.69 2.81 2.84
CA CYS B 426 -34.42 3.50 3.00
C CYS B 426 -34.50 4.96 2.52
N ALA B 427 -35.20 5.20 1.41
CA ALA B 427 -35.36 6.56 0.92
C ALA B 427 -36.24 7.39 1.85
N GLY B 428 -37.18 6.74 2.53
CA GLY B 428 -37.98 7.42 3.53
C GLY B 428 -37.15 7.84 4.73
N MET B 429 -36.18 7.00 5.11
CA MET B 429 -35.25 7.44 6.16
C MET B 429 -34.35 8.58 5.67
N MET B 430 -33.96 8.53 4.39
CA MET B 430 -33.16 9.61 3.81
C MET B 430 -33.91 10.93 3.87
N ILE B 431 -35.22 10.91 3.59
CA ILE B 431 -36.05 12.10 3.72
C ILE B 431 -36.22 12.47 5.19
N TRP B 432 -36.44 11.47 6.06
CA TRP B 432 -36.85 11.71 7.43
C TRP B 432 -35.72 12.28 8.28
N ASN B 433 -34.47 11.98 7.93
CA ASN B 433 -33.36 12.54 8.68
C ASN B 433 -33.23 14.04 8.46
N PHE B 434 -33.62 14.54 7.28
CA PHE B 434 -33.41 15.93 6.95
C PHE B 434 -34.69 16.76 7.04
N VAL B 435 -35.85 16.13 7.25
CA VAL B 435 -37.11 16.86 7.25
C VAL B 435 -37.90 16.71 8.55
N LYS B 436 -37.26 16.25 9.63
CA LYS B 436 -37.98 16.11 10.89
C LYS B 436 -38.22 17.46 11.56
N GLU B 437 -37.37 18.45 11.28
CA GLU B 437 -37.44 19.75 11.91
C GLU B 437 -37.70 20.89 10.93
N LYS B 438 -38.34 20.62 9.79
CA LYS B 438 -38.60 21.64 8.80
C LYS B 438 -40.08 21.95 8.63
N ASN B 439 -40.90 20.95 8.31
CA ASN B 439 -42.32 21.15 8.06
C ASN B 439 -43.09 19.95 8.57
N PHE B 440 -44.32 20.18 9.02
CA PHE B 440 -45.16 19.09 9.51
C PHE B 440 -45.74 18.27 8.36
N VAL B 441 -46.04 18.94 7.23
CA VAL B 441 -46.67 18.24 6.10
C VAL B 441 -45.69 17.29 5.43
N GLY B 442 -44.46 17.75 5.22
CA GLY B 442 -43.43 16.87 4.66
C GLY B 442 -43.08 15.73 5.59
N GLN B 443 -43.05 15.99 6.90
CA GLN B 443 -42.81 14.94 7.89
C GLN B 443 -43.94 13.90 7.87
N ILE B 444 -45.19 14.37 7.74
CA ILE B 444 -46.33 13.47 7.69
C ILE B 444 -46.29 12.61 6.43
N LEU B 445 -45.96 13.23 5.29
CA LEU B 445 -45.87 12.47 4.04
C LEU B 445 -44.72 11.46 4.08
N VAL B 446 -43.59 11.84 4.67
CA VAL B 446 -42.45 10.94 4.78
C VAL B 446 -42.77 9.78 5.70
N PHE B 447 -43.45 10.05 6.82
CA PHE B 447 -43.83 8.99 7.75
C PHE B 447 -44.83 8.04 7.12
N VAL B 448 -45.79 8.58 6.36
CA VAL B 448 -46.80 7.76 5.70
C VAL B 448 -46.16 6.87 4.65
N LEU B 449 -45.26 7.43 3.83
CA LEU B 449 -44.58 6.63 2.81
C LEU B 449 -43.67 5.58 3.43
N LEU B 450 -42.91 5.94 4.47
CA LEU B 450 -41.95 5.03 5.08
C LEU B 450 -42.67 3.88 5.77
N TYR B 451 -43.75 4.17 6.50
CA TYR B 451 -44.46 3.08 7.17
C TYR B 451 -45.34 2.28 6.24
N SER B 452 -45.83 2.88 5.14
CA SER B 452 -46.50 2.10 4.11
C SER B 452 -45.54 1.09 3.49
N SER B 453 -44.32 1.54 3.16
CA SER B 453 -43.32 0.64 2.59
C SER B 453 -42.85 -0.41 3.61
N LEU B 454 -42.72 -0.02 4.88
CA LEU B 454 -42.31 -0.97 5.92
C LEU B 454 -43.37 -2.04 6.15
N TYR B 455 -44.63 -1.64 6.26
CA TYR B 455 -45.70 -2.61 6.46
C TYR B 455 -45.89 -3.48 5.22
N SER B 456 -45.65 -2.90 4.04
CA SER B 456 -45.70 -3.68 2.81
C SER B 456 -44.60 -4.73 2.78
N THR B 457 -43.40 -4.38 3.26
CA THR B 457 -42.32 -5.35 3.38
C THR B 457 -42.69 -6.47 4.34
N TYR B 458 -43.32 -6.08 5.46
CA TYR B 458 -43.78 -7.05 6.47
C TYR B 458 -44.73 -8.08 5.88
N LEU B 459 -45.77 -7.62 5.17
CA LEU B 459 -46.72 -8.60 4.63
C LEU B 459 -46.21 -9.20 3.32
N TRP B 460 -45.21 -8.56 2.69
CA TRP B 460 -44.66 -9.11 1.45
C TRP B 460 -43.80 -10.32 1.74
N THR B 461 -43.19 -10.38 2.93
CA THR B 461 -42.51 -11.60 3.34
C THR B 461 -43.49 -12.78 3.42
N GLY B 462 -44.66 -12.56 4.02
CA GLY B 462 -45.66 -13.60 4.08
C GLY B 462 -46.25 -13.95 2.73
N LEU B 463 -46.42 -12.95 1.86
CA LEU B 463 -46.91 -13.20 0.51
C LEU B 463 -45.92 -14.02 -0.30
N LEU B 464 -44.62 -13.74 -0.16
CA LEU B 464 -43.59 -14.53 -0.83
C LEU B 464 -43.58 -15.96 -0.30
N ALA B 465 -43.74 -16.13 1.01
CA ALA B 465 -43.78 -17.47 1.59
C ALA B 465 -45.01 -18.24 1.12
N ILE B 466 -46.16 -17.57 1.03
CA ILE B 466 -47.39 -18.21 0.57
C ILE B 466 -47.29 -18.59 -0.91
N SER B 467 -46.65 -17.73 -1.71
CA SER B 467 -46.45 -18.04 -3.12
C SER B 467 -45.49 -19.21 -3.30
N LEU B 468 -44.44 -19.27 -2.45
CA LEU B 468 -43.54 -20.42 -2.49
C LEU B 468 -44.24 -21.70 -2.10
N PHE B 469 -45.13 -21.65 -1.09
CA PHE B 469 -45.89 -22.82 -0.70
C PHE B 469 -46.87 -23.25 -1.79
N LEU B 470 -47.47 -22.28 -2.49
CA LEU B 470 -48.38 -22.60 -3.59
C LEU B 470 -47.64 -23.17 -4.79
N LEU B 471 -46.44 -22.67 -5.08
CA LEU B 471 -45.68 -23.18 -6.21
C LEU B 471 -45.07 -24.54 -5.89
N LYS B 472 -44.81 -24.80 -4.61
CA LYS B 472 -44.27 -26.10 -4.22
C LYS B 472 -45.29 -27.22 -4.33
N LYS B 473 -46.59 -26.90 -4.33
CA LYS B 473 -47.61 -27.93 -4.44
C LYS B 473 -47.72 -28.47 -5.86
N ARG B 474 -47.27 -27.68 -6.85
CA ARG B 474 -47.28 -27.99 -8.28
C ARG B 474 -48.67 -28.29 -8.83
N GLU B 475 -49.71 -27.72 -8.23
CA GLU B 475 -51.07 -27.94 -8.71
C GLU B 475 -51.41 -26.97 -9.83
N ARG B 476 -52.54 -27.23 -10.49
CA ARG B 476 -53.01 -26.39 -11.59
C ARG B 476 -53.90 -25.26 -11.06
N VAL B 477 -53.30 -24.41 -10.23
CA VAL B 477 -53.98 -23.25 -9.66
C VAL B 477 -53.33 -22.00 -10.24
N GLN B 478 -54.11 -21.21 -10.96
CA GLN B 478 -53.63 -19.95 -11.52
C GLN B 478 -53.48 -18.93 -10.39
N ILE B 479 -52.25 -18.68 -9.97
CA ILE B 479 -51.98 -17.79 -8.86
C ILE B 479 -52.24 -16.34 -9.26
N PRO B 480 -53.13 -15.64 -8.57
CA PRO B 480 -53.41 -14.22 -8.90
C PRO B 480 -52.30 -13.30 -8.40
N VAL B 481 -51.24 -13.19 -9.22
CA VAL B 481 -50.10 -12.35 -8.89
C VAL B 481 -50.48 -10.87 -8.90
N GLY B 482 -51.39 -10.48 -9.79
CA GLY B 482 -51.87 -9.11 -9.79
C GLY B 482 -52.67 -8.77 -8.55
N ILE B 483 -53.51 -9.70 -8.09
CA ILE B 483 -54.27 -9.51 -6.86
C ILE B 483 -53.33 -9.49 -5.66
N ILE B 484 -52.27 -10.31 -5.70
CA ILE B 484 -51.29 -10.33 -4.61
C ILE B 484 -50.53 -9.00 -4.55
N ILE B 485 -50.16 -8.46 -5.71
CA ILE B 485 -49.48 -7.16 -5.74
C ILE B 485 -50.42 -6.05 -5.30
N ILE B 486 -51.70 -6.15 -5.68
CA ILE B 486 -52.69 -5.17 -5.25
C ILE B 486 -52.88 -5.21 -3.74
N SER B 487 -52.91 -6.41 -3.15
CA SER B 487 -53.00 -6.54 -1.71
C SER B 487 -51.75 -6.00 -1.03
N GLY B 488 -50.57 -6.30 -1.57
CA GLY B 488 -49.33 -5.85 -0.97
C GLY B 488 -49.10 -4.35 -1.07
N TRP B 489 -49.71 -3.71 -2.08
CA TRP B 489 -49.65 -2.27 -2.20
C TRP B 489 -50.82 -1.55 -1.55
N GLY B 490 -51.90 -2.26 -1.22
CA GLY B 490 -53.08 -1.59 -0.71
C GLY B 490 -53.28 -1.76 0.79
N ILE B 491 -52.99 -2.95 1.32
CA ILE B 491 -53.22 -3.21 2.75
C ILE B 491 -52.32 -2.36 3.64
N PRO B 492 -51.02 -2.24 3.37
CA PRO B 492 -50.20 -1.27 4.11
C PRO B 492 -50.63 0.17 3.90
N ALA B 493 -51.08 0.50 2.70
CA ALA B 493 -51.60 1.84 2.43
C ALA B 493 -52.90 2.10 3.20
N LEU B 494 -53.75 1.08 3.29
CA LEU B 494 -54.98 1.20 4.08
C LEU B 494 -54.68 1.34 5.56
N LEU B 495 -53.66 0.61 6.05
CA LEU B 495 -53.25 0.75 7.45
C LEU B 495 -52.68 2.14 7.72
N VAL B 496 -51.91 2.68 6.78
CA VAL B 496 -51.35 4.02 6.92
C VAL B 496 -52.47 5.07 6.91
N GLY B 497 -53.46 4.89 6.04
CA GLY B 497 -54.58 5.81 6.01
C GLY B 497 -55.43 5.74 7.27
N VAL B 498 -55.59 4.53 7.82
CA VAL B 498 -56.34 4.38 9.08
C VAL B 498 -55.58 5.02 10.23
N LEU B 499 -54.25 4.87 10.24
CA LEU B 499 -53.44 5.51 11.27
C LEU B 499 -53.42 7.03 11.13
N LEU B 500 -53.53 7.53 9.91
CA LEU B 500 -53.60 8.99 9.71
C LEU B 500 -54.96 9.52 10.13
N ILE B 501 -56.04 8.80 9.81
CA ILE B 501 -57.38 9.27 10.12
C ILE B 501 -57.67 9.18 11.62
N THR B 502 -57.29 8.08 12.26
CA THR B 502 -57.68 7.83 13.64
C THR B 502 -56.60 8.17 14.65
N GLY B 503 -55.33 8.07 14.29
CA GLY B 503 -54.26 8.28 15.25
C GLY B 503 -54.07 9.75 15.57
N LYS B 504 -53.49 10.01 16.73
CA LYS B 504 -53.18 11.36 17.19
C LYS B 504 -51.68 11.61 17.05
N HIS B 505 -51.32 12.74 16.44
CA HIS B 505 -49.92 13.06 16.23
C HIS B 505 -49.25 13.46 17.53
N ASN B 506 -48.03 12.96 17.73
CA ASN B 506 -47.23 13.25 18.92
C ASN B 506 -46.14 14.25 18.52
N GLY B 507 -46.29 15.50 18.95
CA GLY B 507 -45.33 16.53 18.59
C GLY B 507 -44.02 16.43 19.33
N ASP B 508 -44.00 15.78 20.49
CA ASP B 508 -42.78 15.65 21.28
C ASP B 508 -42.00 14.38 20.97
N SER B 509 -42.47 13.57 20.03
CA SER B 509 -41.83 12.30 19.69
C SER B 509 -40.91 12.53 18.48
N ILE B 510 -39.61 12.38 18.70
CA ILE B 510 -38.65 12.49 17.60
C ILE B 510 -38.33 11.15 16.96
N ASP B 511 -38.64 10.04 17.63
CA ASP B 511 -38.44 8.72 17.04
C ASP B 511 -39.59 8.39 16.10
N SER B 512 -39.30 7.56 15.10
CA SER B 512 -40.31 7.20 14.12
C SER B 512 -41.31 6.19 14.68
N ALA B 513 -40.92 5.43 15.72
CA ALA B 513 -41.76 4.36 16.23
C ALA B 513 -42.97 4.87 17.00
N PHE B 514 -42.99 6.12 17.42
CA PHE B 514 -44.10 6.68 18.18
C PHE B 514 -44.69 7.90 17.48
N PHE B 515 -44.90 7.81 16.16
CA PHE B 515 -45.46 8.94 15.42
C PHE B 515 -46.92 9.18 15.79
N TYR B 516 -47.70 8.10 15.88
CA TYR B 516 -49.11 8.19 16.24
C TYR B 516 -49.38 7.65 17.65
N GLY B 517 -48.33 7.39 18.43
CA GLY B 517 -48.54 6.89 19.77
C GLY B 517 -48.81 5.41 19.79
N LYS B 518 -49.71 4.97 20.66
CA LYS B 518 -49.97 3.54 20.84
C LYS B 518 -50.78 2.97 19.68
N GLU B 519 -51.46 3.84 18.92
CA GLU B 519 -52.24 3.37 17.78
C GLU B 519 -51.34 2.85 16.67
N GLN B 520 -50.19 3.50 16.45
CA GLN B 520 -49.28 3.06 15.40
C GLN B 520 -48.58 1.76 15.80
N MET B 521 -48.23 1.62 17.07
CA MET B 521 -47.55 0.41 17.52
C MET B 521 -48.51 -0.78 17.55
N ILE B 522 -49.79 -0.53 17.78
CA ILE B 522 -50.79 -1.60 17.73
C ILE B 522 -50.98 -2.08 16.29
N THR B 523 -50.93 -1.15 15.33
CA THR B 523 -51.07 -1.52 13.93
C THR B 523 -49.85 -2.29 13.44
N THR B 524 -48.67 -1.92 13.92
CA THR B 524 -47.46 -2.63 13.54
C THR B 524 -47.41 -4.02 14.18
N ALA B 525 -47.98 -4.15 15.37
CA ALA B 525 -48.00 -5.45 16.05
C ALA B 525 -48.96 -6.41 15.36
N VAL B 526 -50.11 -5.92 14.91
CA VAL B 526 -51.09 -6.76 14.24
C VAL B 526 -50.57 -7.19 12.87
N THR B 527 -49.87 -6.29 12.17
CA THR B 527 -49.32 -6.62 10.86
C THR B 527 -48.18 -7.62 10.97
N LEU B 528 -47.34 -7.49 12.00
CA LEU B 528 -46.21 -8.40 12.16
C LEU B 528 -46.67 -9.78 12.62
N PHE B 529 -47.70 -9.82 13.46
CA PHE B 529 -48.19 -11.11 13.97
C PHE B 529 -48.93 -11.88 12.87
N CYS B 530 -49.67 -11.17 12.02
CA CYS B 530 -50.39 -11.83 10.93
C CYS B 530 -49.43 -12.33 9.86
N SER B 531 -48.35 -11.57 9.61
CA SER B 531 -47.41 -11.96 8.57
C SER B 531 -46.54 -13.13 9.02
N ILE B 532 -46.13 -13.15 10.29
CA ILE B 532 -45.29 -14.23 10.79
C ILE B 532 -46.08 -15.54 10.86
N LEU B 533 -47.36 -15.44 11.21
CA LEU B 533 -48.20 -16.65 11.27
C LEU B 533 -48.49 -17.19 9.88
N ILE B 534 -48.68 -16.30 8.90
CA ILE B 534 -48.94 -16.74 7.54
C ILE B 534 -47.69 -17.36 6.92
N ALA B 535 -46.53 -16.74 7.16
CA ALA B 535 -45.28 -17.27 6.62
C ALA B 535 -44.84 -18.52 7.36
N GLY B 536 -45.12 -18.59 8.67
CA GLY B 536 -44.75 -19.76 9.45
C GLY B 536 -45.53 -21.00 9.05
N ILE B 537 -46.80 -20.83 8.70
CA ILE B 537 -47.61 -21.96 8.25
C ILE B 537 -47.17 -22.42 6.87
N SER B 538 -46.80 -21.48 6.00
CA SER B 538 -46.37 -21.82 4.65
C SER B 538 -44.99 -22.47 4.66
N LEU B 539 -44.12 -22.04 5.57
CA LEU B 539 -42.78 -22.62 5.66
C LEU B 539 -42.82 -24.04 6.22
N MET B 540 -43.69 -24.29 7.20
CA MET B 540 -43.82 -25.63 7.74
C MET B 540 -44.54 -26.56 6.78
N CYS B 541 -45.43 -26.03 5.94
CA CYS B 541 -46.11 -26.86 4.95
C CYS B 541 -45.19 -27.25 3.81
N MET B 542 -44.15 -26.45 3.55
CA MET B 542 -43.22 -26.74 2.46
C MET B 542 -42.36 -27.95 2.77
N ASN B 543 -41.95 -28.09 4.04
CA ASN B 543 -41.12 -29.23 4.42
C ASN B 543 -41.93 -30.52 4.47
N GLN B 544 -43.20 -30.43 4.89
CA GLN B 544 -44.04 -31.62 4.97
C GLN B 544 -44.46 -32.10 3.60
N THR B 545 -44.69 -31.17 2.66
CA THR B 545 -45.11 -31.56 1.32
C THR B 545 -43.96 -32.16 0.53
N ALA B 546 -42.74 -31.66 0.75
CA ALA B 546 -41.57 -32.16 0.04
C ALA B 546 -41.15 -33.54 0.55
N LEU B 653 -30.21 -22.82 -8.32
CA LEU B 653 -30.59 -21.86 -7.30
C LEU B 653 -32.02 -22.06 -6.88
N GLN B 654 -32.87 -21.19 -7.38
CA GLN B 654 -34.30 -21.25 -7.05
C GLN B 654 -34.69 -21.48 -5.59
N LEU B 655 -35.19 -22.68 -5.28
CA LEU B 655 -35.76 -22.95 -3.97
C LEU B 655 -34.66 -23.11 -2.91
N THR B 656 -33.44 -23.37 -3.34
CA THR B 656 -32.30 -23.55 -2.44
C THR B 656 -31.98 -22.24 -1.70
N ARG B 657 -32.03 -21.11 -2.34
CA ARG B 657 -31.74 -19.94 -1.56
C ARG B 657 -33.02 -19.24 -1.14
N HIS B 658 -34.08 -19.40 -1.92
CA HIS B 658 -35.30 -18.66 -1.62
C HIS B 658 -35.78 -18.85 -0.19
N VAL B 659 -35.64 -20.08 0.31
CA VAL B 659 -36.18 -20.44 1.62
C VAL B 659 -35.44 -19.70 2.74
N LEU B 660 -34.12 -19.61 2.63
CA LEU B 660 -33.33 -18.99 3.69
C LEU B 660 -33.55 -17.48 3.76
N LEU B 661 -33.73 -16.83 2.60
CA LEU B 661 -34.11 -15.42 2.59
C LEU B 661 -35.50 -15.23 3.19
N CYS B 662 -36.40 -16.19 2.96
CA CYS B 662 -37.65 -16.20 3.70
C CYS B 662 -37.40 -16.55 5.17
N LEU B 663 -36.43 -17.42 5.44
CA LEU B 663 -36.17 -17.84 6.82
C LEU B 663 -35.57 -16.70 7.65
N LEU B 664 -34.60 -15.97 7.07
CA LEU B 664 -33.88 -14.97 7.85
C LEU B 664 -34.75 -13.75 8.17
N LEU B 665 -35.82 -13.54 7.39
CA LEU B 665 -36.69 -12.40 7.66
C LEU B 665 -37.63 -12.69 8.83
N ILE B 666 -37.95 -13.97 9.06
CA ILE B 666 -38.83 -14.36 10.16
C ILE B 666 -38.19 -14.08 11.52
N ILE B 667 -36.87 -14.28 11.62
CA ILE B 667 -36.15 -13.86 12.83
C ILE B 667 -36.21 -12.35 12.97
N GLY B 668 -36.17 -11.63 11.85
CA GLY B 668 -36.36 -10.19 11.90
C GLY B 668 -37.76 -9.79 12.31
N LEU B 669 -38.78 -10.50 11.80
CA LEU B 669 -40.15 -10.17 12.17
C LEU B 669 -40.47 -10.61 13.60
N PHE B 670 -39.79 -11.64 14.09
CA PHE B 670 -40.00 -12.07 15.47
C PHE B 670 -39.45 -11.06 16.46
N ALA B 671 -38.28 -10.48 16.13
CA ALA B 671 -37.72 -9.43 16.98
C ALA B 671 -38.51 -8.14 16.84
N ASN B 672 -39.12 -7.92 15.67
CA ASN B 672 -39.98 -6.75 15.50
C ASN B 672 -41.26 -6.87 16.32
N LEU B 673 -41.79 -8.10 16.43
CA LEU B 673 -43.05 -8.30 17.14
C LEU B 673 -42.88 -8.14 18.64
N SER B 674 -41.74 -8.58 19.18
CA SER B 674 -41.54 -8.60 20.62
C SER B 674 -41.41 -7.20 21.20
N SER B 675 -40.83 -6.26 20.46
CA SER B 675 -40.69 -4.90 20.97
C SER B 675 -42.03 -4.17 20.99
N CYS B 676 -42.91 -4.50 20.05
CA CYS B 676 -44.26 -3.97 20.10
C CYS B 676 -45.03 -4.56 21.28
N LEU B 677 -44.79 -5.83 21.58
CA LEU B 677 -45.41 -6.44 22.77
C LEU B 677 -44.81 -5.88 24.05
N TRP B 678 -43.52 -5.51 24.03
CA TRP B 678 -42.86 -5.01 25.22
C TRP B 678 -43.39 -3.63 25.61
N TRP B 679 -43.73 -2.81 24.61
CA TRP B 679 -44.13 -1.43 24.90
C TRP B 679 -45.53 -1.36 25.49
N LEU B 680 -46.45 -2.23 25.03
CA LEU B 680 -47.82 -2.16 25.51
C LEU B 680 -47.95 -2.71 26.93
N PHE B 681 -47.27 -3.81 27.24
CA PHE B 681 -47.42 -4.45 28.54
C PHE B 681 -46.58 -3.80 29.64
N ASN B 682 -45.50 -3.10 29.28
CA ASN B 682 -44.63 -2.46 30.25
C ASN B 682 -44.67 -0.95 30.06
N GLN B 683 -44.96 -0.22 31.14
CA GLN B 683 -45.06 1.23 31.04
C GLN B 683 -43.68 1.87 30.99
N GLU B 684 -42.71 1.33 31.74
CA GLU B 684 -41.38 1.92 31.80
C GLU B 684 -40.44 1.23 30.82
N PRO B 685 -39.89 1.95 29.84
CA PRO B 685 -38.91 1.34 28.93
C PRO B 685 -37.57 1.11 29.60
N GLY B 686 -37.19 -0.16 29.76
CA GLY B 686 -35.91 -0.51 30.36
C GLY B 686 -34.80 -0.54 29.33
N ARG B 687 -33.62 -0.96 29.81
CA ARG B 687 -32.46 -1.07 28.93
C ARG B 687 -32.60 -2.21 27.94
N LEU B 688 -33.30 -3.29 28.35
CA LEU B 688 -33.61 -4.36 27.41
C LEU B 688 -34.54 -3.88 26.30
N TYR B 689 -35.43 -2.93 26.60
CA TYR B 689 -36.23 -2.32 25.55
C TYR B 689 -35.36 -1.49 24.61
N VAL B 690 -34.32 -0.84 25.12
CA VAL B 690 -33.41 -0.09 24.28
C VAL B 690 -32.66 -1.01 23.33
N GLU B 691 -32.17 -2.13 23.86
CA GLU B 691 -31.48 -3.12 23.01
C GLU B 691 -32.43 -3.73 21.98
N LEU B 692 -33.68 -3.97 22.37
CA LEU B 692 -34.63 -4.56 21.45
C LEU B 692 -35.07 -3.56 20.37
N GLN B 693 -35.15 -2.28 20.73
CA GLN B 693 -35.46 -1.26 19.72
C GLN B 693 -34.31 -1.07 18.75
N PHE B 694 -33.08 -1.18 19.25
CA PHE B 694 -31.92 -1.14 18.37
C PHE B 694 -31.91 -2.33 17.41
N PHE B 695 -32.21 -3.53 17.92
CA PHE B 695 -32.29 -4.70 17.06
C PHE B 695 -33.44 -4.58 16.08
N CYS B 696 -34.53 -3.91 16.49
CA CYS B 696 -35.62 -3.61 15.57
C CYS B 696 -35.14 -2.72 14.43
N ALA B 697 -34.30 -1.73 14.75
CA ALA B 697 -33.75 -0.86 13.71
C ALA B 697 -32.88 -1.64 12.73
N VAL B 698 -32.01 -2.53 13.23
CA VAL B 698 -31.13 -3.26 12.32
C VAL B 698 -31.90 -4.28 11.48
N PHE B 699 -32.78 -5.07 12.09
CA PHE B 699 -33.53 -6.06 11.31
C PHE B 699 -34.70 -5.45 10.57
N ASN B 700 -34.97 -4.16 10.75
CA ASN B 700 -35.98 -3.45 10.00
C ASN B 700 -35.40 -2.74 8.79
N PHE B 701 -34.17 -2.24 8.92
CA PHE B 701 -33.66 -1.29 7.95
C PHE B 701 -32.46 -1.82 7.19
N GLY B 702 -31.92 -2.96 7.59
CA GLY B 702 -30.87 -3.67 6.90
C GLY B 702 -31.31 -4.94 6.22
N GLN B 703 -32.61 -5.10 5.96
CA GLN B 703 -33.10 -6.27 5.25
C GLN B 703 -32.61 -6.29 3.81
N GLY B 704 -32.36 -5.11 3.24
CA GLY B 704 -31.77 -5.04 1.92
C GLY B 704 -30.37 -5.62 1.88
N PHE B 705 -29.61 -5.48 2.97
CA PHE B 705 -28.28 -6.07 3.05
C PHE B 705 -28.35 -7.60 3.00
N ILE B 706 -29.27 -8.19 3.76
CA ILE B 706 -29.44 -9.64 3.76
C ILE B 706 -29.93 -10.12 2.40
N SER B 707 -30.87 -9.37 1.81
CA SER B 707 -31.39 -9.70 0.48
C SER B 707 -30.30 -9.61 -0.58
N PHE B 708 -29.44 -8.61 -0.51
CA PHE B 708 -28.33 -8.46 -1.44
C PHE B 708 -27.31 -9.59 -1.28
N GLY B 709 -27.01 -9.95 -0.03
CA GLY B 709 -26.08 -11.05 0.22
C GLY B 709 -26.59 -12.37 -0.27
N ILE B 710 -27.91 -12.57 -0.25
CA ILE B 710 -28.46 -13.84 -0.73
C ILE B 710 -28.61 -13.82 -2.26
N PHE B 711 -29.18 -12.75 -2.81
CA PHE B 711 -29.58 -12.72 -4.22
C PHE B 711 -28.56 -12.04 -5.12
N GLY B 712 -28.14 -10.82 -4.77
CA GLY B 712 -27.36 -10.00 -5.69
C GLY B 712 -25.97 -10.54 -5.95
N LEU B 713 -25.31 -11.03 -4.90
CA LEU B 713 -23.98 -11.61 -5.03
C LEU B 713 -24.07 -13.05 -5.53
N ASP B 714 -24.41 -13.16 -6.83
CA ASP B 714 -24.49 -14.48 -7.46
C ASP B 714 -24.17 -14.44 -8.93
N LYS B 715 -23.53 -15.48 -9.47
CA LYS B 715 -23.08 -15.46 -10.84
C LYS B 715 -24.15 -15.80 -11.82
N HIS B 716 -23.73 -16.22 -12.99
CA HIS B 716 -24.65 -16.62 -14.05
C HIS B 716 -25.52 -15.46 -14.52
N LEU B 717 -26.42 -14.99 -13.65
CA LEU B 717 -27.32 -13.89 -13.98
C LEU B 717 -26.57 -12.58 -14.18
C1 CLR C . 24.40 0.30 -18.38
C2 CLR C . 24.79 -1.06 -18.94
C3 CLR C . 24.20 -1.31 -20.32
C4 CLR C . 24.47 -0.17 -21.29
C5 CLR C . 24.40 1.19 -20.64
C6 CLR C . 23.85 2.20 -21.32
C7 CLR C . 24.32 3.62 -21.14
C8 CLR C . 24.83 3.88 -19.73
C9 CLR C . 24.55 2.78 -18.75
C10 CLR C . 24.94 1.41 -19.26
C11 CLR C . 25.30 3.12 -17.46
C12 CLR C . 24.98 4.50 -16.90
C13 CLR C . 25.04 5.55 -17.98
C14 CLR C . 24.17 5.07 -19.10
C15 CLR C . 23.92 6.28 -19.97
C16 CLR C . 23.72 7.38 -18.93
C17 CLR C . 24.44 6.92 -17.67
C18 CLR C . 26.47 5.66 -18.47
C19 CLR C . 26.46 1.33 -19.34
C20 CLR C . 25.38 8.03 -17.22
C21 CLR C . 26.12 7.74 -15.90
C22 CLR C . 24.55 9.29 -17.09
C23 CLR C . 24.95 10.39 -18.06
C24 CLR C . 24.00 11.56 -17.93
C25 CLR C . 23.75 11.90 -16.47
C26 CLR C . 24.17 13.32 -16.16
C27 CLR C . 22.28 11.73 -16.15
O1 CLR C . 24.83 -2.48 -20.86
N POV D . 22.04 -7.69 -16.60
P POV D . 18.81 -5.21 -14.75
C1 POV D . 18.69 -2.64 -14.31
C2 POV D . 19.44 -1.56 -13.53
C3 POV D . 20.94 -1.62 -13.67
C210 POV D . 20.52 2.19 -4.37
C310 POV D . 26.37 8.73 -11.03
C11 POV D . 21.32 -5.93 -14.79
O11 POV D . 19.07 -3.91 -13.83
C211 POV D . 19.59 2.38 -3.20
C311 POV D . 26.59 9.73 -12.16
C12 POV D . 21.51 -7.36 -15.23
O12 POV D . 20.29 -5.27 -15.46
C212 POV D . 20.28 3.01 -2.00
C312 POV D . 26.43 11.17 -11.70
C13 POV D . 20.97 -7.68 -17.62
O13 POV D . 17.80 -4.82 -15.78
C213 POV D . 19.86 4.45 -1.76
C313 POV D . 27.24 11.52 -10.45
C14 POV D . 23.07 -6.67 -16.97
O14 POV D . 18.62 -6.44 -13.92
C214 POV D . 20.44 5.42 -2.78
C314 POV D . 26.83 12.84 -9.82
C15 POV D . 22.71 -9.02 -16.62
C215 POV D . 20.30 6.87 -2.36
C315 POV D . 27.01 14.03 -10.76
C216 POV D . 21.29 7.78 -3.06
C316 POV D . 25.95 15.10 -10.54
C217 POV D . 22.73 7.52 -2.66
C218 POV D . 23.70 8.55 -3.25
C21 POV D . 18.07 -1.13 -11.68
O21 POV D . 19.17 -1.69 -12.15
C22 POV D . 17.65 -1.78 -10.39
O22 POV D . 17.49 -0.24 -12.24
C23 POV D . 18.63 -1.52 -9.25
C24 POV D . 17.92 -1.61 -7.91
C25 POV D . 18.06 -0.32 -7.11
C26 POV D . 17.66 0.92 -7.89
C27 POV D . 18.60 2.09 -7.65
C28 POV D . 18.78 2.36 -6.15
C29 POV D . 20.17 2.17 -5.65
C31 POV D . 22.54 -0.25 -14.75
O31 POV D . 21.39 -0.35 -14.10
C32 POV D . 22.98 1.18 -14.86
O32 POV D . 23.13 -1.20 -15.18
C33 POV D . 24.44 1.41 -14.51
C34 POV D . 24.63 2.78 -13.89
C35 POV D . 25.95 2.90 -13.13
C36 POV D . 26.64 4.24 -13.37
C37 POV D . 25.78 5.43 -12.99
C38 POV D . 26.55 6.46 -12.16
C39 POV D . 25.64 7.45 -11.45
N POV E . 16.48 -18.80 -9.70
P POV E . 20.04 -15.70 -8.83
C1 POV E . 19.21 -13.69 -7.38
C2 POV E . 19.84 -12.93 -6.20
C3 POV E . 18.95 -12.88 -4.97
C210 POV E . 22.06 -2.43 -3.14
C11 POV E . 18.27 -17.00 -10.25
O11 POV E . 19.73 -14.99 -7.41
C211 POV E . 23.09 -1.67 -2.38
C12 POV E . 16.83 -17.48 -10.35
O12 POV E . 18.46 -16.07 -9.23
C212 POV E . 22.57 -0.29 -1.99
C13 POV E . 16.72 -18.76 -8.23
O13 POV E . 20.51 -14.61 -9.75
C213 POV E . 21.46 -0.34 -0.96
C14 POV E . 15.04 -19.05 -9.95
O14 POV E . 20.81 -16.97 -8.67
C214 POV E . 21.76 0.48 0.30
C15 POV E . 17.26 -19.93 -10.30
C215 POV E . 21.14 -0.10 1.57
C216 POV E . 21.93 0.21 2.83
C217 POV E . 21.48 1.48 3.55
C218 POV E . 21.50 1.34 5.07
C21 POV E . 19.37 -10.56 -6.63
O21 POV E . 20.22 -11.59 -6.54
C22 POV E . 19.85 -9.39 -5.81
O22 POV E . 18.37 -10.55 -7.30
C23 POV E . 20.34 -8.20 -6.61
C24 POV E . 20.43 -6.95 -5.74
C25 POV E . 21.45 -7.09 -4.63
C26 POV E . 20.99 -6.44 -3.32
C27 POV E . 22.13 -6.06 -2.37
C28 POV E . 22.89 -4.82 -2.82
C29 POV E . 21.98 -3.75 -3.33
C31 POV E . 19.17 -12.20 -2.71
O31 POV E . 19.74 -12.42 -3.89
C32 POV E . 19.77 -11.00 -2.05
O32 POV E . 18.28 -12.88 -2.26
C33 POV E . 19.50 -10.90 -0.57
C34 POV E . 19.59 -9.46 -0.10
C35 POV E . 20.96 -9.04 0.40
C36 POV E . 20.87 -8.16 1.64
C37 POV E . 20.20 -8.84 2.82
N POV F . 22.20 11.65 -43.67
P POV F . 22.35 9.42 -39.77
C1 POV F . 20.81 7.66 -38.56
C2 POV F . 21.66 6.81 -37.60
C3 POV F . 20.94 5.60 -37.04
C210 POV F . 21.97 15.90 -31.03
C310 POV F . 18.84 13.93 -29.80
C11 POV F . 21.37 9.70 -42.19
O11 POV F . 21.34 8.96 -38.58
C211 POV F . 23.15 16.31 -30.22
C311 POV F . 18.29 14.53 -28.52
C12 POV F . 21.06 10.89 -43.07
O12 POV F . 21.20 9.97 -40.82
C212 POV F . 23.10 17.81 -29.89
C312 POV F . 19.40 14.93 -27.57
C13 POV F . 21.72 12.72 -44.59
O13 POV F . 23.14 10.59 -39.26
C313 POV F . 19.01 15.98 -26.54
C14 POV F . 22.94 12.28 -42.55
O14 POV F . 23.05 8.25 -40.38
C314 POV F . 19.62 17.33 -26.83
C15 POV F . 23.15 10.76 -44.41
C315 POV F . 20.06 18.09 -25.58
C316 POV F . 21.29 17.50 -24.93
C21 POV F . 23.36 7.92 -36.37
O21 POV F . 22.09 7.57 -36.48
C22 POV F . 23.69 8.35 -34.97
O22 POV F . 24.15 7.90 -37.29
C23 POV F . 23.06 9.68 -34.58
C24 POV F . 22.90 9.80 -33.07
C25 POV F . 24.07 10.49 -32.39
C26 POV F . 24.17 11.98 -32.72
C27 POV F . 22.90 12.76 -32.44
C28 POV F . 23.08 14.26 -32.63
C29 POV F . 21.93 15.04 -32.05
C31 POV F . 20.10 5.01 -34.90
O31 POV F . 20.93 5.75 -35.63
C32 POV F . 19.24 5.88 -34.04
O32 POV F . 20.09 3.81 -34.94
C33 POV F . 19.70 7.32 -33.88
C34 POV F . 18.94 8.27 -34.78
C35 POV F . 18.03 9.24 -34.05
C36 POV F . 18.78 10.04 -32.99
C37 POV F . 17.92 11.02 -32.23
C38 POV F . 18.75 12.05 -31.48
C39 POV F . 17.98 12.84 -30.42
C1 NAG G . 5.76 33.70 0.20
C2 NAG G . 6.16 33.73 1.66
C3 NAG G . 6.47 35.16 2.08
C4 NAG G . 5.26 36.05 1.89
C5 NAG G . 4.59 35.92 0.51
C6 NAG G . 5.19 36.81 -0.55
C7 NAG G . 4.91 31.86 2.65
C8 NAG G . 3.78 31.47 3.55
N2 NAG G . 5.12 33.17 2.50
O3 NAG G . 7.59 35.65 1.34
O4 NAG G . 4.29 35.79 2.90
O5 NAG G . 4.60 34.57 -0.02
O6 NAG G . 4.65 36.54 -1.83
O7 NAG G . 5.61 31.02 2.08
C1 CLR H . -24.25 -18.41 2.50
C2 CLR H . -24.62 -19.13 1.21
C3 CLR H . -24.02 -20.53 1.14
C4 CLR H . -24.29 -21.34 2.40
C5 CLR H . -24.24 -20.53 3.67
C6 CLR H . -23.70 -21.06 4.76
C7 CLR H . -24.17 -20.71 6.15
C8 CLR H . -24.71 -19.28 6.21
C9 CLR H . -24.42 -18.45 5.00
C10 CLR H . -24.80 -19.14 3.70
C11 CLR H . -25.18 -17.14 5.16
C12 CLR H . -24.88 -16.39 6.47
C13 CLR H . -24.94 -17.33 7.65
C14 CLR H . -24.07 -18.49 7.31
C15 CLR H . -23.81 -19.19 8.64
C16 CLR H . -23.63 -18.03 9.59
C17 CLR H . -24.36 -16.83 8.96
C18 CLR H . -26.36 -17.82 7.80
C19 CLR H . -26.31 -19.23 3.63
C20 CLR H . -25.31 -16.25 9.99
C21 CLR H . -26.05 -14.99 9.54
C22 CLR H . -24.50 -15.95 11.25
C23 CLR H . -24.90 -16.78 12.45
C24 CLR H . -23.96 -16.49 13.60
C25 CLR H . -23.72 -15.00 13.75
C26 CLR H . -24.17 -14.50 15.12
C27 CLR H . -22.26 -14.70 13.55
O1 CLR H . -24.63 -21.21 0.05
N POV I . -21.82 -17.65 -5.64
P POV I . -18.62 -15.47 -3.40
C1 POV I . -18.54 -14.70 -0.90
C2 POV I . -19.31 -13.80 0.06
C3 POV I . -20.80 -13.95 0.01
C210 POV I . -20.50 -4.23 2.58
C310 POV I . -26.36 -10.04 9.88
C11 POV I . -21.13 -15.62 -4.12
O11 POV I . -18.91 -14.40 -2.22
C211 POV I . -19.58 -3.05 2.62
C311 POV I . -26.58 -11.03 11.01
C12 POV I . -21.30 -16.24 -5.49
O12 POV I . -20.10 -16.21 -3.37
C212 POV I . -20.28 -1.77 3.08
C312 POV I . -26.45 -10.38 12.38
C13 POV I . -20.73 -18.66 -5.49
O13 POV I . -17.62 -16.42 -2.86
C213 POV I . -19.88 -1.34 4.48
C313 POV I . -27.26 -9.10 12.56
C14 POV I . -22.86 -17.89 -4.60
O14 POV I . -18.43 -14.80 -4.72
C214 POV I . -20.46 -2.23 5.58
C314 POV I . -26.86 -8.31 13.80
C15 POV I . -22.48 -17.85 -6.96
C215 POV I . -20.34 -1.62 6.97
C315 POV I . -27.05 -9.08 15.09
C216 POV I . -21.33 -2.22 7.95
C316 POV I . -26.00 -8.72 16.13
C217 POV I . -22.78 -1.87 7.63
C218 POV I . -23.74 -2.32 8.71
C21 POV I . -17.96 -11.89 0.25
O21 POV I . -19.05 -12.43 -0.25
C22 POV I . -17.55 -10.69 -0.55
O22 POV I . -17.39 -12.33 1.22
C23 POV I . -18.53 -9.54 -0.46
C24 POV I . -17.83 -8.21 -0.70
C25 POV I . -17.99 -7.25 0.46
C26 POV I . -17.60 -7.87 1.80
C27 POV I . -18.55 -7.47 2.92
C28 POV I . -18.74 -5.97 3.01
C29 POV I . -20.13 -5.50 2.73
C31 POV I . -22.41 -14.86 1.49
O31 POV I . -21.26 -14.22 1.33
C32 POV I . -22.86 -14.79 2.91
O32 POV I . -23.00 -15.42 0.59
C33 POV I . -24.32 -14.42 3.09
C34 POV I . -24.54 -13.63 4.36
C35 POV I . -25.87 -12.87 4.38
C36 POV I . -26.57 -12.95 5.73
C37 POV I . -25.72 -12.39 6.87
C38 POV I . -26.51 -11.47 7.78
C39 POV I . -25.62 -10.62 8.68
N POV J . -16.21 -12.21 -17.50
P POV J . -19.79 -10.98 -14.57
C1 POV J . -19.01 -9.26 -12.75
C2 POV J . -19.64 -8.01 -12.16
C3 POV J . -18.77 -6.77 -12.27
C210 POV J . -22.00 -3.63 -2.18
C11 POV J . -18.00 -12.54 -15.66
O11 POV J . -19.51 -9.47 -14.05
C211 POV J . -23.04 -2.78 -1.53
C12 POV J . -16.57 -12.69 -16.11
O12 POV J . -18.22 -11.40 -14.87
C212 POV J . -22.54 -2.21 -0.21
C13 POV J . -16.45 -10.76 -17.66
O13 POV J . -20.27 -11.76 -13.38
C213 POV J . -21.43 -1.18 -0.39
C14 POV J . -14.76 -12.47 -17.70
O14 POV J . -20.56 -10.98 -15.86
C214 POV J . -21.76 0.16 0.25
C15 POV J . -16.96 -12.96 -18.54
C215 POV J . -21.14 1.35 -0.47
C216 POV J . -21.95 2.64 -0.33
C217 POV J . -21.51 3.53 0.83
C218 POV J . -21.54 5.01 0.50
C21 POV J . -19.21 -8.12 -9.76
O21 POV J . -20.05 -8.17 -10.79
C22 POV J . -19.71 -7.15 -8.72
O22 POV J . -18.19 -8.77 -9.66
C23 POV J . -20.19 -7.80 -7.43
C24 POV J . -20.30 -6.78 -6.31
C25 POV J . -21.33 -5.70 -6.59
C26 POV J . -20.89 -4.32 -6.12
C27 POV J . -22.03 -3.33 -5.88
C28 POV J . -22.81 -3.63 -4.60
C29 POV J . -21.92 -4.00 -3.45
C31 POV J . -19.01 -4.44 -11.89
O31 POV J . -19.57 -5.64 -11.96
C32 POV J . -19.63 -3.64 -10.79
O32 POV J . -18.13 -4.08 -12.62
C33 POV J . -19.38 -2.15 -10.89
C34 POV J . -19.48 -1.50 -9.52
C35 POV J . -20.87 -0.97 -9.18
C36 POV J . -20.79 0.37 -8.47
C37 POV J . -20.12 1.46 -9.29
N POV K . -21.96 -41.99 17.06
P POV K . -22.12 -38.41 14.33
C1 POV K . -20.57 -37.41 12.44
C2 POV K . -21.42 -36.59 11.47
C3 POV K . -20.69 -36.18 10.21
C210 POV K . -21.87 -28.90 19.63
C310 POV K . -18.74 -27.91 17.54
C11 POV K . -21.13 -40.76 14.93
O11 POV K . -21.12 -37.28 13.74
C211 POV K . -23.07 -28.04 19.92
C311 POV K . -18.19 -26.55 17.97
C12 POV K . -20.81 -41.48 16.22
O12 POV K . -20.97 -39.37 15.03
C212 POV K . -23.03 -27.52 21.36
C312 POV K . -19.32 -25.57 18.24
C13 POV K . -21.48 -42.76 18.24
O13 POV K . -22.92 -37.75 15.43
C313 POV K . -18.96 -24.41 19.15
C14 POV K . -22.72 -40.79 17.53
O14 POV K . -22.81 -39.17 13.24
C314 POV K . -19.58 -24.53 20.52
C15 POV K . -22.89 -42.84 16.25
C315 POV K . -20.02 -23.19 21.11
C316 POV K . -21.26 -22.63 20.42
C21 POV K . -23.14 -35.24 12.40
O21 POV K . -21.86 -35.38 12.07
C22 POV K . -23.48 -33.79 12.64
O22 POV K . -23.92 -36.16 12.49
C23 POV K . -22.87 -33.23 13.91
C24 POV K . -22.72 -31.72 13.84
C25 POV K . -23.91 -30.96 14.43
C26 POV K . -24.02 -31.11 15.93
C27 POV K . -22.76 -30.70 16.68
C28 POV K . -22.95 -30.70 18.20
C29 POV K . -21.82 -30.02 18.90
C31 POV K . -19.87 -34.13 9.35
O31 POV K . -20.69 -34.76 10.17
C32 POV K . -19.02 -33.16 10.11
O32 POV K . -19.84 -34.33 8.17
C33 POV K . -19.50 -32.81 11.51
C34 POV K . -18.74 -33.58 12.58
C35 POV K . -17.84 -32.72 13.45
C36 POV K . -18.61 -31.57 14.09
C37 POV K . -17.77 -30.68 14.98
C38 POV K . -18.62 -29.81 15.89
C39 POV K . -17.86 -28.65 16.54
C1 NAG L . -6.09 4.52 33.36
C2 NAG L . -6.51 5.98 33.19
C3 NAG L . -6.83 6.58 34.55
C4 NAG L . -5.62 6.52 35.47
C5 NAG L . -4.95 5.14 35.52
C6 NAG L . -5.55 4.20 36.55
C7 NAG L . -5.24 6.73 31.22
C8 NAG L . -4.10 7.58 30.73
N2 NAG L . -5.46 6.74 32.54
O3 NAG L . -7.94 5.89 35.12
O4 NAG L . -4.66 7.48 35.08
O5 NAG L . -4.93 4.44 34.27
O6 NAG L . -4.98 2.90 36.45
O7 NAG L . -5.92 6.05 30.46
#